data_2ZF4
#
_entry.id   2ZF4
#
_cell.length_a   83.415
_cell.length_b   91.030
_cell.length_c   158.999
_cell.angle_alpha   90.00
_cell.angle_beta   90.00
_cell.angle_gamma   90.00
#
_symmetry.space_group_name_H-M   'P 21 21 21'
#
loop_
_entity.id
_entity.type
_entity.pdbx_description
1 polymer 'Hypothetical protein VioE'
2 non-polymer '3-PHENYLPYRUVIC ACID'
3 water water
#
_entity_poly.entity_id   1
_entity_poly.type   'polypeptide(L)'
_entity_poly.pdbx_seq_one_letter_code
;GSHMENREPPLLPARWSSAYVSYWSPMLPDDQLTSGYCWFDYERDICRIDGLFNPWSERDTGYRLWMSEVGNAASGRTWK
QKVAYGRERTALGEQLCERPLDDETGPFAELFLPRDVLRRLGARHIGRRVVLGREADGWRYQRPGKGPSTLYLDAASGTP
LRMVTGDEASRASLRDFPNVSEAEIPDAVFAAKR
;
_entity_poly.pdbx_strand_id   A,B,C,D,E,F
#
loop_
_chem_comp.id
_chem_comp.type
_chem_comp.name
_chem_comp.formula
PPY non-polymer '3-PHENYLPYRUVIC ACID' 'C9 H8 O3'
#
# COMPACT_ATOMS: atom_id res chain seq x y z
N GLU A 8 -12.87 16.08 7.59
CA GLU A 8 -11.41 15.89 7.72
C GLU A 8 -11.12 14.38 7.66
N PRO A 9 -10.05 13.97 6.91
CA PRO A 9 -9.78 12.55 6.69
C PRO A 9 -9.29 11.81 7.95
N PRO A 10 -9.47 10.47 7.97
CA PRO A 10 -9.03 9.69 9.11
C PRO A 10 -7.58 9.33 9.04
N LEU A 11 -7.08 8.79 10.15
CA LEU A 11 -5.78 8.14 10.17
C LEU A 11 -5.99 6.74 9.65
N LEU A 12 -4.95 6.13 9.08
CA LEU A 12 -5.03 4.70 8.71
C LEU A 12 -5.14 3.86 9.99
N PRO A 13 -5.48 2.54 9.88
CA PRO A 13 -5.49 1.73 11.11
C PRO A 13 -4.11 1.73 11.72
N ALA A 14 -4.01 1.65 13.04
CA ALA A 14 -2.70 1.70 13.74
C ALA A 14 -1.74 0.59 13.26
N ARG A 15 -2.33 -0.53 12.86
CA ARG A 15 -1.59 -1.67 12.33
C ARG A 15 -2.53 -2.42 11.37
N TRP A 16 -2.04 -2.82 10.20
CA TRP A 16 -2.83 -3.59 9.25
C TRP A 16 -1.93 -4.44 8.37
N SER A 17 -2.42 -5.62 7.98
CA SER A 17 -1.65 -6.47 7.05
C SER A 17 -2.62 -7.15 6.09
N SER A 18 -2.18 -7.48 4.87
CA SER A 18 -3.09 -7.96 3.83
C SER A 18 -2.35 -8.60 2.64
N ALA A 19 -3.01 -9.50 1.92
CA ALA A 19 -2.54 -9.86 0.59
C ALA A 19 -2.77 -8.64 -0.27
N TYR A 20 -1.97 -8.45 -1.30
CA TYR A 20 -2.24 -7.36 -2.22
C TYR A 20 -2.15 -7.88 -3.65
N VAL A 21 -2.89 -7.24 -4.53
CA VAL A 21 -2.82 -7.49 -5.96
C VAL A 21 -2.46 -6.14 -6.57
N SER A 22 -1.46 -6.12 -7.44
CA SER A 22 -0.89 -4.88 -7.91
C SER A 22 -0.97 -4.87 -9.42
N TYR A 23 -1.42 -3.74 -9.98
CA TYR A 23 -1.62 -3.61 -11.42
C TYR A 23 -1.69 -2.14 -11.84
N TRP A 24 -2.18 -1.89 -13.04
CA TRP A 24 -2.08 -0.56 -13.64
C TRP A 24 -3.36 -0.17 -14.36
N SER A 25 -3.64 1.13 -14.42
CA SER A 25 -4.70 1.70 -15.24
C SER A 25 -4.14 2.80 -16.14
N PRO A 26 -4.31 2.67 -17.46
CA PRO A 26 -4.74 1.52 -18.21
C PRO A 26 -3.66 0.44 -18.21
N MET A 27 -4.04 -0.80 -18.51
CA MET A 27 -3.07 -1.87 -18.68
C MET A 27 -2.43 -1.73 -20.07
N LEU A 28 -1.16 -1.35 -20.09
CA LEU A 28 -0.37 -1.28 -21.32
C LEU A 28 0.35 -2.62 -21.52
N PRO A 29 0.80 -2.91 -22.76
CA PRO A 29 1.40 -4.22 -23.11
C PRO A 29 2.37 -4.87 -22.12
N ASP A 30 3.36 -4.13 -21.63
CA ASP A 30 4.36 -4.65 -20.71
C ASP A 30 3.89 -4.67 -19.23
N ASP A 31 2.69 -4.14 -18.95
CA ASP A 31 2.18 -4.06 -17.57
C ASP A 31 1.87 -5.45 -16.99
N GLN A 32 2.27 -5.66 -15.74
CA GLN A 32 2.08 -6.96 -15.08
C GLN A 32 1.03 -6.89 -13.99
N LEU A 33 0.27 -7.99 -13.82
CA LEU A 33 -0.58 -8.20 -12.67
C LEU A 33 0.17 -9.13 -11.75
N THR A 34 0.43 -8.64 -10.53
CA THR A 34 1.21 -9.38 -9.56
C THR A 34 0.47 -9.45 -8.22
N SER A 35 0.93 -10.32 -7.34
CA SER A 35 0.34 -10.45 -6.03
C SER A 35 1.44 -10.75 -5.04
N GLY A 36 1.11 -10.63 -3.77
CA GLY A 36 2.06 -10.82 -2.69
C GLY A 36 1.35 -10.57 -1.37
N TYR A 37 2.11 -10.21 -0.35
CA TYR A 37 1.57 -9.92 0.98
C TYR A 37 2.36 -8.75 1.59
N CYS A 38 1.71 -7.98 2.47
CA CYS A 38 2.32 -6.81 3.06
C CYS A 38 1.86 -6.65 4.51
N TRP A 39 2.75 -6.10 5.36
CA TRP A 39 2.48 -5.83 6.78
C TRP A 39 2.82 -4.38 7.11
N PHE A 40 1.95 -3.70 7.86
CA PHE A 40 2.23 -2.31 8.23
C PHE A 40 1.98 -2.12 9.72
N ASP A 41 3.00 -1.66 10.44
CA ASP A 41 2.88 -1.32 11.87
C ASP A 41 3.33 0.12 12.09
N TYR A 42 2.38 0.99 12.42
CA TYR A 42 2.65 2.43 12.49
C TYR A 42 3.27 2.87 13.82
N GLU A 43 2.94 2.16 14.90
CA GLU A 43 3.60 2.40 16.18
C GLU A 43 5.06 2.03 16.13
N ARG A 44 5.38 0.94 15.44
CA ARG A 44 6.78 0.55 15.21
C ARG A 44 7.47 1.39 14.13
N ASP A 45 6.66 2.00 13.24
CA ASP A 45 7.17 2.83 12.13
C ASP A 45 7.94 1.94 11.14
N ILE A 46 7.37 0.75 10.88
CA ILE A 46 7.98 -0.27 10.03
CA ILE A 46 7.98 -0.25 10.01
C ILE A 46 6.95 -0.88 9.07
N CYS A 47 7.40 -1.39 7.92
CA CYS A 47 6.55 -2.11 6.97
C CYS A 47 7.31 -3.23 6.27
N ARG A 48 6.60 -4.28 5.88
CA ARG A 48 7.17 -5.40 5.11
C ARG A 48 6.29 -5.70 3.90
N ILE A 49 6.90 -5.91 2.75
CA ILE A 49 6.17 -6.31 1.53
C ILE A 49 6.92 -7.44 0.84
N ASP A 50 6.24 -8.55 0.58
CA ASP A 50 6.78 -9.70 -0.19
C ASP A 50 6.00 -9.88 -1.49
N GLY A 51 6.70 -9.85 -2.61
CA GLY A 51 6.08 -10.09 -3.91
C GLY A 51 7.04 -9.93 -5.08
N LEU A 52 6.57 -10.32 -6.26
CA LEU A 52 7.28 -10.03 -7.50
C LEU A 52 7.21 -8.52 -7.69
N PHE A 53 8.35 -7.85 -7.69
CA PHE A 53 8.32 -6.41 -7.84
C PHE A 53 7.57 -5.92 -9.09
N ASN A 54 6.73 -4.91 -8.90
CA ASN A 54 5.90 -4.31 -9.93
C ASN A 54 5.96 -2.77 -9.75
N PRO A 55 6.46 -2.03 -10.75
CA PRO A 55 6.91 -2.44 -12.06
C PRO A 55 8.38 -2.83 -12.09
N TRP A 56 8.73 -3.69 -13.03
CA TRP A 56 10.12 -4.14 -13.14
C TRP A 56 10.44 -4.43 -14.59
N SER A 57 11.44 -3.72 -15.11
CA SER A 57 11.88 -3.87 -16.49
C SER A 57 12.78 -5.09 -16.64
N GLU A 58 12.20 -6.21 -17.08
CA GLU A 58 12.99 -7.37 -17.46
C GLU A 58 13.85 -7.09 -18.69
N ARG A 59 13.35 -6.28 -19.62
CA ARG A 59 14.15 -5.87 -20.80
C ARG A 59 15.48 -5.19 -20.42
N ASP A 60 15.44 -4.32 -19.41
CA ASP A 60 16.61 -3.53 -19.08
C ASP A 60 17.53 -4.23 -18.10
N THR A 61 16.99 -5.17 -17.33
CA THR A 61 17.79 -5.82 -16.27
C THR A 61 18.21 -7.25 -16.61
N GLY A 62 17.41 -7.94 -17.41
CA GLY A 62 17.70 -9.33 -17.75
C GLY A 62 16.82 -10.33 -17.04
N TYR A 63 15.98 -9.85 -16.11
CA TYR A 63 15.23 -10.76 -15.23
C TYR A 63 14.02 -10.11 -14.60
N ARG A 64 13.15 -10.95 -14.03
CA ARG A 64 12.01 -10.54 -13.20
C ARG A 64 12.42 -10.72 -11.74
N LEU A 65 12.18 -9.69 -10.93
CA LEU A 65 12.64 -9.66 -9.55
C LEU A 65 11.53 -10.09 -8.59
N TRP A 66 11.86 -11.02 -7.71
CA TRP A 66 11.03 -11.21 -6.51
C TRP A 66 11.78 -10.53 -5.37
N MET A 67 11.04 -9.86 -4.50
CA MET A 67 11.72 -9.18 -3.39
C MET A 67 10.91 -9.25 -2.09
N SER A 68 11.61 -9.35 -0.97
CA SER A 68 11.02 -9.06 0.34
C SER A 68 11.77 -7.84 0.92
N GLU A 69 11.06 -6.75 1.20
CA GLU A 69 11.66 -5.54 1.73
C GLU A 69 11.08 -5.26 3.11
N VAL A 70 11.97 -4.91 4.04
CA VAL A 70 11.58 -4.44 5.38
C VAL A 70 12.09 -3.01 5.51
N GLY A 71 11.16 -2.06 5.58
CA GLY A 71 11.46 -0.63 5.60
C GLY A 71 11.13 0.00 6.92
N ASN A 72 12.17 0.37 7.66
CA ASN A 72 12.05 0.92 9.01
C ASN A 72 12.24 2.44 8.94
N ALA A 73 11.13 3.18 9.01
CA ALA A 73 11.19 4.64 8.96
C ALA A 73 11.77 5.24 10.24
N ALA A 74 11.63 4.51 11.35
CA ALA A 74 12.18 4.91 12.65
C ALA A 74 13.73 4.89 12.68
N SER A 75 14.32 3.80 12.21
CA SER A 75 15.79 3.69 12.12
C SER A 75 16.32 4.25 10.81
N GLY A 76 15.43 4.57 9.88
CA GLY A 76 15.82 5.13 8.58
C GLY A 76 16.61 4.17 7.70
N ARG A 77 16.30 2.87 7.82
CA ARG A 77 17.05 1.82 7.14
C ARG A 77 16.09 0.81 6.51
N THR A 78 16.45 0.37 5.31
CA THR A 78 15.73 -0.70 4.63
C THR A 78 16.59 -1.96 4.47
N TRP A 79 15.93 -3.12 4.37
CA TRP A 79 16.60 -4.39 4.09
C TRP A 79 15.81 -5.09 2.98
N LYS A 80 16.50 -5.46 1.90
CA LYS A 80 15.84 -6.14 0.76
C LYS A 80 16.42 -7.54 0.51
N GLN A 81 15.57 -8.56 0.50
CA GLN A 81 16.00 -9.88 0.06
C GLN A 81 15.58 -10.02 -1.41
N LYS A 82 16.47 -10.49 -2.27
CA LYS A 82 16.19 -10.42 -3.71
C LYS A 82 16.46 -11.76 -4.40
N VAL A 83 15.53 -12.18 -5.25
CA VAL A 83 15.76 -13.34 -6.11
C VAL A 83 15.46 -13.01 -7.59
N ALA A 84 16.44 -13.23 -8.45
CA ALA A 84 16.25 -13.00 -9.89
C ALA A 84 15.72 -14.22 -10.63
N TYR A 85 14.67 -14.03 -11.44
CA TYR A 85 14.21 -15.06 -12.38
C TYR A 85 14.52 -14.68 -13.82
N GLY A 86 15.50 -15.36 -14.39
CA GLY A 86 15.93 -15.07 -15.74
C GLY A 86 15.45 -16.11 -16.72
N ARG A 87 15.18 -15.67 -17.95
CA ARG A 87 14.81 -16.56 -19.03
C ARG A 87 16.07 -17.16 -19.62
N GLU A 88 16.00 -18.45 -19.96
CA GLU A 88 17.14 -19.15 -20.51
C GLU A 88 16.69 -20.05 -21.65
N ARG A 89 17.29 -19.85 -22.83
CA ARG A 89 17.07 -20.73 -23.98
C ARG A 89 17.67 -22.10 -23.67
N THR A 90 16.91 -23.15 -23.95
CA THR A 90 17.30 -24.51 -23.60
C THR A 90 16.88 -25.45 -24.75
N ALA A 91 17.32 -26.69 -24.70
CA ALA A 91 16.81 -27.72 -25.60
C ALA A 91 15.28 -27.83 -25.47
N LEU A 92 14.78 -27.63 -24.25
CA LEU A 92 13.34 -27.67 -23.96
C LEU A 92 12.60 -26.39 -24.39
N GLY A 93 13.24 -25.56 -25.20
CA GLY A 93 12.64 -24.28 -25.58
C GLY A 93 13.24 -23.23 -24.67
N GLU A 94 12.49 -22.82 -23.65
CA GLU A 94 13.09 -22.05 -22.57
C GLU A 94 12.51 -22.18 -21.17
N GLN A 95 13.35 -21.84 -20.20
CA GLN A 95 13.13 -22.19 -18.82
C GLN A 95 13.55 -21.01 -17.93
N LEU A 96 13.00 -20.94 -16.73
CA LEU A 96 13.37 -19.90 -15.80
C LEU A 96 14.49 -20.34 -14.87
N CYS A 97 15.44 -19.45 -14.68
CA CYS A 97 16.56 -19.74 -13.81
CA CYS A 97 16.61 -19.71 -13.85
C CYS A 97 16.57 -18.76 -12.66
N GLU A 98 16.43 -19.31 -11.46
CA GLU A 98 16.41 -18.51 -10.25
C GLU A 98 17.87 -18.23 -9.84
N ARG A 99 18.11 -17.02 -9.36
CA ARG A 99 19.44 -16.64 -8.94
C ARG A 99 19.25 -15.64 -7.81
N PRO A 100 19.50 -16.07 -6.55
CA PRO A 100 19.46 -15.10 -5.44
C PRO A 100 20.49 -14.04 -5.70
N LEU A 101 20.13 -12.80 -5.40
CA LEU A 101 21.09 -11.73 -5.41
C LEU A 101 21.52 -11.53 -3.97
N ASP A 102 22.54 -10.71 -3.76
CA ASP A 102 22.91 -10.29 -2.43
C ASP A 102 21.73 -9.57 -1.80
N ASP A 103 21.57 -9.73 -0.48
CA ASP A 103 20.68 -8.88 0.31
C ASP A 103 21.11 -7.44 0.12
N GLU A 104 20.16 -6.52 0.15
CA GLU A 104 20.51 -5.12 0.05
C GLU A 104 20.04 -4.33 1.27
N THR A 105 20.88 -3.44 1.78
CA THR A 105 20.46 -2.48 2.80
C THR A 105 20.66 -1.07 2.26
N GLY A 106 20.02 -0.10 2.91
CA GLY A 106 20.14 1.30 2.53
C GLY A 106 19.18 2.21 3.26
N PRO A 107 19.17 3.51 2.88
CA PRO A 107 18.32 4.53 3.50
C PRO A 107 16.85 4.31 3.21
N PHE A 108 16.02 4.73 4.17
CA PHE A 108 14.58 4.64 4.05
C PHE A 108 13.94 5.85 4.75
N ALA A 109 13.41 6.78 3.94
CA ALA A 109 12.83 8.03 4.47
C ALA A 109 11.47 7.83 5.15
N GLU A 110 10.42 7.53 4.40
CA GLU A 110 9.14 7.22 5.05
C GLU A 110 8.41 5.99 4.55
N LEU A 111 7.53 5.44 5.40
CA LEU A 111 6.73 4.28 5.02
C LEU A 111 6.00 4.52 3.71
N PHE A 112 5.74 3.43 3.00
CA PHE A 112 5.15 3.45 1.66
C PHE A 112 3.74 4.07 1.66
N LEU A 113 3.02 3.88 2.75
CA LEU A 113 1.72 4.52 2.95
C LEU A 113 1.64 4.96 4.40
N PRO A 114 2.11 6.20 4.70
CA PRO A 114 2.09 6.68 6.07
C PRO A 114 0.67 6.79 6.64
N ARG A 115 0.56 6.56 7.93
CA ARG A 115 -0.73 6.54 8.61
C ARG A 115 -1.50 7.85 8.45
N ASP A 116 -0.77 8.97 8.54
CA ASP A 116 -1.38 10.29 8.44
C ASP A 116 -1.46 10.86 7.02
N VAL A 117 -1.26 10.02 6.01
CA VAL A 117 -0.99 10.51 4.64
C VAL A 117 -2.13 11.37 4.07
N LEU A 118 -3.35 11.00 4.40
CA LEU A 118 -4.55 11.69 3.94
C LEU A 118 -4.69 13.05 4.62
N ARG A 119 -4.27 13.11 5.87
CA ARG A 119 -4.32 14.34 6.65
C ARG A 119 -3.24 15.31 6.19
N ARG A 120 -1.99 14.84 6.17
CA ARG A 120 -0.84 15.70 5.89
C ARG A 120 -0.82 16.14 4.42
N LEU A 121 -1.38 15.33 3.52
CA LEU A 121 -1.39 15.67 2.09
C LEU A 121 -2.73 16.30 1.66
N GLY A 122 -3.54 16.64 2.66
CA GLY A 122 -4.79 17.40 2.46
C GLY A 122 -5.91 16.77 1.66
N ALA A 123 -6.15 15.48 1.87
CA ALA A 123 -7.12 14.73 1.09
C ALA A 123 -8.55 15.25 1.26
N ARG A 124 -9.30 15.22 0.16
CA ARG A 124 -10.71 15.53 0.19
C ARG A 124 -11.52 14.27 -0.12
N HIS A 125 -12.71 14.23 0.44
CA HIS A 125 -13.64 13.14 0.22
C HIS A 125 -14.31 13.36 -1.14
N ILE A 126 -14.04 12.49 -2.11
CA ILE A 126 -14.58 12.67 -3.45
C ILE A 126 -15.88 11.90 -3.69
N GLY A 127 -16.20 10.96 -2.80
CA GLY A 127 -17.44 10.22 -2.86
C GLY A 127 -17.28 8.83 -2.29
N ARG A 128 -18.33 8.03 -2.44
CA ARG A 128 -18.29 6.61 -2.07
C ARG A 128 -18.41 5.71 -3.30
N ARG A 129 -17.77 4.56 -3.21
CA ARG A 129 -17.63 3.62 -4.32
C ARG A 129 -17.59 2.23 -3.70
N VAL A 130 -18.02 1.23 -4.46
CA VAL A 130 -17.82 -0.15 -4.05
C VAL A 130 -16.46 -0.61 -4.56
N VAL A 131 -15.58 -0.99 -3.64
CA VAL A 131 -14.31 -1.54 -3.98
C VAL A 131 -14.18 -2.90 -3.34
N LEU A 132 -13.78 -3.91 -4.11
CA LEU A 132 -13.67 -5.29 -3.63
C LEU A 132 -14.94 -5.80 -2.91
N GLY A 133 -16.10 -5.40 -3.45
CA GLY A 133 -17.40 -5.83 -2.93
C GLY A 133 -17.81 -5.13 -1.66
N ARG A 134 -17.00 -4.15 -1.23
CA ARG A 134 -17.25 -3.37 -0.03
C ARG A 134 -17.46 -1.88 -0.33
N GLU A 135 -18.44 -1.28 0.35
CA GLU A 135 -18.62 0.17 0.33
C GLU A 135 -17.39 0.87 0.89
N ALA A 136 -16.83 1.78 0.10
CA ALA A 136 -15.57 2.42 0.46
C ALA A 136 -15.65 3.92 0.26
N ASP A 137 -14.93 4.66 1.11
CA ASP A 137 -14.73 6.10 0.94
C ASP A 137 -13.51 6.41 0.10
N GLY A 138 -13.68 7.28 -0.89
CA GLY A 138 -12.57 7.75 -1.72
C GLY A 138 -12.00 9.04 -1.17
N TRP A 139 -10.68 9.06 -0.99
CA TRP A 139 -9.94 10.22 -0.51
C TRP A 139 -8.87 10.61 -1.52
N ARG A 140 -9.05 11.78 -2.13
CA ARG A 140 -8.18 12.26 -3.19
C ARG A 140 -7.23 13.35 -2.69
N TYR A 141 -5.96 13.20 -3.07
CA TYR A 141 -4.92 14.13 -2.65
C TYR A 141 -3.81 14.23 -3.68
N GLN A 142 -2.93 15.20 -3.47
CA GLN A 142 -1.82 15.47 -4.36
C GLN A 142 -0.53 15.10 -3.63
N ARG A 143 0.33 14.31 -4.28
CA ARG A 143 1.70 14.12 -3.80
C ARG A 143 2.49 15.25 -4.44
N PRO A 144 2.83 16.29 -3.66
CA PRO A 144 3.49 17.50 -4.16
C PRO A 144 4.70 17.20 -5.06
N GLY A 145 4.65 17.76 -6.27
CA GLY A 145 5.68 17.50 -7.30
C GLY A 145 5.66 16.13 -7.96
N LYS A 146 4.58 15.36 -7.78
CA LYS A 146 4.54 13.99 -8.30
C LYS A 146 3.26 13.68 -9.10
N GLY A 147 2.11 13.89 -8.47
CA GLY A 147 0.82 13.66 -9.12
C GLY A 147 -0.25 13.33 -8.10
N PRO A 148 -1.51 13.17 -8.57
CA PRO A 148 -2.64 12.88 -7.69
C PRO A 148 -2.65 11.45 -7.20
N SER A 149 -3.41 11.21 -6.13
CA SER A 149 -3.66 9.86 -5.64
C SER A 149 -5.08 9.79 -5.14
N THR A 150 -5.62 8.56 -5.10
CA THR A 150 -6.85 8.28 -4.36
C THR A 150 -6.63 7.07 -3.47
N LEU A 151 -7.01 7.17 -2.20
CA LEU A 151 -7.00 6.00 -1.33
C LEU A 151 -8.44 5.66 -0.95
N TYR A 152 -8.84 4.43 -1.25
CA TYR A 152 -10.15 3.95 -0.88
C TYR A 152 -10.06 3.18 0.42
N LEU A 153 -10.87 3.59 1.39
CA LEU A 153 -10.91 3.00 2.73
C LEU A 153 -12.25 2.32 2.97
N ASP A 154 -12.24 1.16 3.62
CA ASP A 154 -13.49 0.54 4.05
C ASP A 154 -14.29 1.59 4.84
N ALA A 155 -15.51 1.85 4.39
CA ALA A 155 -16.32 2.93 4.95
C ALA A 155 -16.86 2.61 6.36
N ALA A 156 -16.95 1.33 6.69
CA ALA A 156 -17.26 0.92 8.06
C ALA A 156 -16.03 0.81 8.93
N SER A 157 -15.01 0.09 8.45
CA SER A 157 -13.86 -0.31 9.28
C SER A 157 -12.62 0.59 9.15
N GLY A 158 -12.60 1.44 8.13
CA GLY A 158 -11.52 2.40 7.96
C GLY A 158 -10.26 1.80 7.35
N THR A 159 -10.30 0.49 7.06
CA THR A 159 -9.13 -0.21 6.53
C THR A 159 -8.92 0.06 5.04
N PRO A 160 -7.65 0.01 4.57
CA PRO A 160 -7.38 0.18 3.15
C PRO A 160 -8.01 -0.90 2.25
N LEU A 161 -8.44 -0.49 1.06
CA LEU A 161 -9.00 -1.41 0.09
C LEU A 161 -8.29 -1.31 -1.27
N ARG A 162 -7.97 -0.08 -1.66
CA ARG A 162 -7.36 0.21 -2.97
C ARG A 162 -6.52 1.47 -2.87
N MET A 163 -5.30 1.36 -3.37
CA MET A 163 -4.37 2.48 -3.39
C MET A 163 -4.13 2.84 -4.86
N VAL A 164 -4.49 4.06 -5.23
CA VAL A 164 -4.36 4.52 -6.61
C VAL A 164 -3.31 5.60 -6.67
N THR A 165 -2.19 5.28 -7.32
CA THR A 165 -1.08 6.22 -7.42
C THR A 165 -1.06 6.75 -8.85
N GLY A 166 -1.56 7.98 -9.00
CA GLY A 166 -1.70 8.59 -10.31
C GLY A 166 -3.16 8.82 -10.57
N ASP A 167 -3.48 9.14 -11.83
CA ASP A 167 -4.84 9.42 -12.22
C ASP A 167 -5.26 8.27 -13.11
N GLU A 168 -6.20 7.46 -12.62
CA GLU A 168 -6.71 6.26 -13.32
C GLU A 168 -7.09 6.50 -14.77
N ALA A 169 -7.62 7.69 -15.06
CA ALA A 169 -8.14 8.01 -16.38
C ALA A 169 -7.03 8.38 -17.37
N SER A 170 -5.78 8.32 -16.92
CA SER A 170 -4.63 8.54 -17.78
C SER A 170 -3.47 7.58 -17.48
N ARG A 171 -3.03 7.53 -16.22
CA ARG A 171 -2.02 6.55 -15.80
C ARG A 171 -1.88 6.44 -14.28
N ALA A 172 -2.19 5.25 -13.76
CA ALA A 172 -2.12 5.01 -12.33
C ALA A 172 -1.70 3.58 -12.05
N SER A 173 -1.04 3.38 -10.92
CA SER A 173 -0.91 2.05 -10.37
C SER A 173 -2.07 1.81 -9.39
N LEU A 174 -2.52 0.58 -9.32
CA LEU A 174 -3.60 0.19 -8.43
C LEU A 174 -3.06 -0.97 -7.59
N ARG A 175 -3.16 -0.84 -6.27
CA ARG A 175 -2.89 -1.95 -5.35
C ARG A 175 -4.15 -2.20 -4.54
N ASP A 176 -4.69 -3.43 -4.63
CA ASP A 176 -5.89 -3.87 -3.90
C ASP A 176 -5.53 -4.72 -2.71
N PHE A 177 -6.31 -4.60 -1.64
CA PHE A 177 -6.02 -5.29 -0.37
C PHE A 177 -7.25 -6.08 0.01
N PRO A 178 -7.37 -7.33 -0.51
CA PRO A 178 -8.64 -8.09 -0.37
C PRO A 178 -8.97 -8.72 0.99
N ASN A 179 -8.01 -8.77 1.92
CA ASN A 179 -8.22 -9.47 3.21
C ASN A 179 -7.46 -8.84 4.40
N VAL A 180 -7.60 -7.53 4.55
CA VAL A 180 -6.86 -6.75 5.55
C VAL A 180 -7.19 -7.25 6.94
N SER A 181 -6.16 -7.40 7.75
CA SER A 181 -6.34 -7.88 9.12
C SER A 181 -5.73 -6.86 10.08
N GLU A 182 -6.50 -6.49 11.10
CA GLU A 182 -6.04 -5.53 12.11
C GLU A 182 -5.46 -6.21 13.36
N ALA A 183 -5.05 -7.47 13.20
CA ALA A 183 -4.48 -8.26 14.29
C ALA A 183 -3.05 -7.86 14.55
N GLU A 184 -2.57 -8.16 15.76
CA GLU A 184 -1.20 -7.81 16.12
C GLU A 184 -0.22 -8.51 15.18
N ILE A 185 0.86 -7.82 14.83
CA ILE A 185 1.88 -8.38 13.94
C ILE A 185 3.09 -8.82 14.78
N PRO A 186 3.39 -10.13 14.81
CA PRO A 186 4.52 -10.62 15.61
C PRO A 186 5.82 -9.97 15.17
N ASP A 187 6.73 -9.75 16.13
CA ASP A 187 7.96 -9.01 15.88
C ASP A 187 8.84 -9.68 14.84
N ALA A 188 8.81 -11.01 14.81
CA ALA A 188 9.63 -11.79 13.88
C ALA A 188 9.33 -11.49 12.38
N VAL A 189 8.13 -10.99 12.07
CA VAL A 189 7.72 -10.63 10.70
C VAL A 189 8.66 -9.55 10.14
N PHE A 190 9.11 -8.67 11.02
CA PHE A 190 10.05 -7.60 10.70
C PHE A 190 11.50 -7.90 11.11
N ALA A 191 11.87 -9.18 11.20
CA ALA A 191 13.22 -9.58 11.60
C ALA A 191 14.34 -9.14 10.66
N ALA A 192 14.06 -8.98 9.37
CA ALA A 192 15.06 -8.53 8.39
C ALA A 192 16.30 -9.44 8.27
N LYS A 193 16.04 -10.75 8.34
CA LYS A 193 16.99 -11.80 7.96
C LYS A 193 16.17 -12.80 7.15
N ARG A 194 16.73 -13.32 6.04
CA ARG A 194 16.01 -14.30 5.19
C ARG A 194 15.31 -15.41 5.99
N PRO B 9 14.07 -41.15 4.46
CA PRO B 9 13.17 -40.09 3.98
C PRO B 9 12.64 -39.22 5.13
N PRO B 10 12.95 -37.91 5.10
CA PRO B 10 12.68 -36.98 6.19
C PRO B 10 11.26 -36.38 6.21
N LEU B 11 10.87 -35.87 7.36
CA LEU B 11 9.63 -35.11 7.49
C LEU B 11 9.88 -33.64 7.10
N LEU B 12 8.81 -32.90 6.95
CA LEU B 12 8.88 -31.47 6.76
C LEU B 12 8.85 -30.81 8.15
N PRO B 13 9.15 -29.50 8.24
CA PRO B 13 9.17 -28.89 9.58
C PRO B 13 7.75 -28.75 10.15
N ALA B 14 7.61 -28.90 11.46
CA ALA B 14 6.32 -28.90 12.16
C ALA B 14 5.41 -27.73 11.81
N ARG B 15 6.00 -26.58 11.53
CA ARG B 15 5.27 -25.42 10.99
C ARG B 15 6.24 -24.62 10.12
N TRP B 16 5.73 -24.11 9.00
CA TRP B 16 6.56 -23.21 8.16
C TRP B 16 5.67 -22.27 7.37
N SER B 17 6.21 -21.13 6.97
CA SER B 17 5.47 -20.16 6.16
C SER B 17 6.51 -19.46 5.31
N SER B 18 6.17 -19.08 4.09
CA SER B 18 7.15 -18.52 3.17
C SER B 18 6.42 -17.73 2.11
N ALA B 19 7.07 -16.74 1.55
CA ALA B 19 6.64 -16.23 0.29
C ALA B 19 6.83 -17.40 -0.68
N TYR B 20 6.10 -17.42 -1.78
CA TYR B 20 6.37 -18.42 -2.83
C TYR B 20 6.37 -17.78 -4.23
N VAL B 21 7.08 -18.41 -5.14
CA VAL B 21 7.15 -17.99 -6.52
C VAL B 21 6.76 -19.19 -7.37
N SER B 22 5.78 -19.01 -8.26
CA SER B 22 5.20 -20.15 -8.96
C SER B 22 5.31 -19.99 -10.46
N TYR B 23 5.81 -21.03 -11.13
CA TYR B 23 6.02 -20.96 -12.60
C TYR B 23 6.08 -22.34 -13.27
N TRP B 24 6.59 -22.38 -14.50
CA TRP B 24 6.50 -23.60 -15.29
C TRP B 24 7.81 -23.93 -15.99
N SER B 25 8.01 -25.21 -16.29
CA SER B 25 9.14 -25.70 -17.07
C SER B 25 8.68 -26.65 -18.16
N PRO B 26 8.87 -26.27 -19.43
CA PRO B 26 9.40 -24.98 -19.85
C PRO B 26 8.33 -23.90 -19.73
N MET B 27 8.70 -22.62 -19.86
CA MET B 27 7.72 -21.54 -19.85
C MET B 27 7.19 -21.41 -21.26
N LEU B 28 5.92 -21.77 -21.45
CA LEU B 28 5.26 -21.59 -22.74
C LEU B 28 4.69 -20.17 -22.78
N PRO B 29 4.43 -19.61 -23.98
CA PRO B 29 4.01 -18.21 -24.13
C PRO B 29 2.91 -17.71 -23.17
N ASP B 30 1.94 -18.56 -22.87
CA ASP B 30 0.83 -18.19 -21.98
C ASP B 30 1.03 -18.66 -20.53
N ASP B 31 2.22 -19.17 -20.22
CA ASP B 31 2.53 -19.55 -18.84
C ASP B 31 2.77 -18.27 -18.04
N GLN B 32 2.33 -18.27 -16.80
CA GLN B 32 2.49 -17.12 -15.91
C GLN B 32 3.50 -17.39 -14.80
N LEU B 33 4.29 -16.36 -14.48
CA LEU B 33 5.08 -16.33 -13.26
C LEU B 33 4.33 -15.52 -12.18
N THR B 34 4.03 -16.15 -11.04
CA THR B 34 3.27 -15.48 -9.98
C THR B 34 3.95 -15.57 -8.59
N SER B 35 3.43 -14.80 -7.62
CA SER B 35 3.89 -14.86 -6.25
C SER B 35 2.75 -14.79 -5.24
N GLY B 36 3.05 -15.16 -4.00
CA GLY B 36 2.09 -15.10 -2.92
C GLY B 36 2.81 -15.42 -1.64
N TYR B 37 2.03 -15.78 -0.63
CA TYR B 37 2.54 -16.18 0.66
C TYR B 37 1.74 -17.42 1.07
N CYS B 38 2.34 -18.30 1.87
CA CYS B 38 1.65 -19.53 2.26
C CYS B 38 2.04 -19.86 3.71
N TRP B 39 1.20 -20.62 4.41
CA TRP B 39 1.43 -20.99 5.80
C TRP B 39 1.04 -22.46 5.99
N PHE B 40 1.91 -23.29 6.56
CA PHE B 40 1.53 -24.68 6.88
C PHE B 40 1.76 -24.94 8.38
N ASP B 41 0.68 -25.16 9.13
CA ASP B 41 0.79 -25.56 10.55
C ASP B 41 0.37 -27.02 10.68
N TYR B 42 1.33 -27.92 10.74
CA TYR B 42 1.02 -29.36 10.77
C TYR B 42 0.47 -29.83 12.10
N GLU B 43 0.69 -29.03 13.14
CA GLU B 43 0.12 -29.35 14.45
C GLU B 43 -1.40 -29.15 14.43
N ARG B 44 -1.86 -28.10 13.76
CA ARG B 44 -3.29 -27.86 13.66
C ARG B 44 -3.86 -28.56 12.43
N ASP B 45 -2.96 -29.02 11.56
CA ASP B 45 -3.30 -29.80 10.37
C ASP B 45 -4.07 -28.90 9.41
N ILE B 46 -3.44 -27.76 9.09
CA ILE B 46 -4.11 -26.66 8.43
C ILE B 46 -3.09 -25.84 7.64
N CYS B 47 -3.53 -25.30 6.50
CA CYS B 47 -2.67 -24.47 5.65
C CYS B 47 -3.46 -23.27 5.09
N ARG B 48 -2.74 -22.26 4.62
CA ARG B 48 -3.34 -21.09 3.96
C ARG B 48 -2.42 -20.63 2.84
N ILE B 49 -2.99 -20.30 1.70
CA ILE B 49 -2.21 -19.84 0.54
C ILE B 49 -2.93 -18.66 -0.08
N ASP B 50 -2.21 -17.55 -0.24
CA ASP B 50 -2.75 -16.33 -0.82
C ASP B 50 -1.96 -15.99 -2.06
N GLY B 51 -2.62 -15.92 -3.21
CA GLY B 51 -1.96 -15.42 -4.41
C GLY B 51 -2.86 -15.55 -5.61
N LEU B 52 -2.37 -15.02 -6.72
CA LEU B 52 -3.00 -15.20 -8.02
C LEU B 52 -2.92 -16.69 -8.36
N PHE B 53 -4.05 -17.30 -8.66
CA PHE B 53 -4.03 -18.71 -8.98
C PHE B 53 -3.23 -19.04 -10.23
N ASN B 54 -2.36 -20.02 -10.11
CA ASN B 54 -1.52 -20.50 -11.21
C ASN B 54 -1.60 -22.03 -11.26
N PRO B 55 -2.09 -22.61 -12.38
CA PRO B 55 -2.46 -21.97 -13.64
C PRO B 55 -3.91 -21.51 -13.64
N TRP B 56 -4.19 -20.46 -14.40
CA TRP B 56 -5.55 -20.00 -14.59
C TRP B 56 -5.69 -19.37 -15.96
N SER B 57 -6.59 -19.90 -16.77
CA SER B 57 -6.81 -19.39 -18.13
C SER B 57 -7.76 -18.19 -18.16
N GLU B 58 -7.19 -17.02 -18.48
CA GLU B 58 -7.95 -15.81 -18.74
C GLU B 58 -8.62 -15.95 -20.10
N ARG B 59 -7.97 -16.70 -20.98
CA ARG B 59 -8.51 -17.09 -22.28
C ARG B 59 -9.84 -17.83 -22.17
N ASP B 60 -9.96 -18.76 -21.23
CA ASP B 60 -11.18 -19.61 -21.18
C ASP B 60 -12.23 -19.12 -20.19
N THR B 61 -11.80 -18.41 -19.15
CA THR B 61 -12.74 -17.94 -18.13
C THR B 61 -13.12 -16.47 -18.32
N GLY B 62 -12.25 -15.71 -18.97
CA GLY B 62 -12.44 -14.26 -19.10
C GLY B 62 -11.71 -13.45 -18.02
N TYR B 63 -11.08 -14.12 -17.05
CA TYR B 63 -10.46 -13.42 -15.94
C TYR B 63 -9.22 -14.11 -15.36
N ARG B 64 -8.48 -13.36 -14.56
CA ARG B 64 -7.44 -13.92 -13.71
C ARG B 64 -8.03 -13.98 -12.31
N LEU B 65 -7.77 -15.08 -11.62
CA LEU B 65 -8.30 -15.24 -10.28
C LEU B 65 -7.24 -14.95 -9.25
N TRP B 66 -7.60 -14.11 -8.28
CA TRP B 66 -6.83 -14.07 -7.05
C TRP B 66 -7.56 -14.91 -6.00
N MET B 67 -6.83 -15.73 -5.25
CA MET B 67 -7.46 -16.55 -4.23
C MET B 67 -6.70 -16.55 -2.91
N SER B 68 -7.46 -16.66 -1.82
CA SER B 68 -6.90 -16.97 -0.51
C SER B 68 -7.62 -18.24 -0.07
N GLU B 69 -6.86 -19.33 0.10
CA GLU B 69 -7.50 -20.61 0.45
C GLU B 69 -7.06 -21.04 1.84
N VAL B 70 -8.01 -21.35 2.71
CA VAL B 70 -7.67 -21.97 4.00
C VAL B 70 -8.14 -23.42 3.97
N GLY B 71 -7.16 -24.33 3.91
CA GLY B 71 -7.43 -25.75 3.86
C GLY B 71 -7.20 -26.40 5.21
N ASN B 72 -8.27 -26.95 5.76
CA ASN B 72 -8.30 -27.52 7.08
C ASN B 72 -8.45 -29.05 6.96
N ALA B 73 -7.33 -29.77 7.01
CA ALA B 73 -7.33 -31.23 6.84
C ALA B 73 -7.91 -31.97 8.05
N ALA B 74 -7.83 -31.35 9.23
CA ALA B 74 -8.50 -31.87 10.44
C ALA B 74 -10.02 -31.96 10.31
N SER B 75 -10.65 -30.94 9.71
CA SER B 75 -12.10 -30.97 9.48
C SER B 75 -12.45 -31.46 8.08
N GLY B 76 -11.46 -31.55 7.19
CA GLY B 76 -11.68 -32.01 5.82
C GLY B 76 -12.44 -31.04 4.94
N ARG B 77 -12.41 -29.76 5.30
CA ARG B 77 -13.12 -28.72 4.55
C ARG B 77 -12.17 -27.58 4.21
N THR B 78 -12.19 -27.16 2.95
CA THR B 78 -11.38 -26.02 2.54
C THR B 78 -12.28 -24.79 2.42
N TRP B 79 -11.72 -23.60 2.57
CA TRP B 79 -12.46 -22.37 2.40
C TRP B 79 -11.66 -21.44 1.52
N LYS B 80 -12.34 -20.83 0.56
CA LYS B 80 -11.69 -20.01 -0.45
C LYS B 80 -12.36 -18.65 -0.53
N GLN B 81 -11.54 -17.60 -0.47
CA GLN B 81 -11.97 -16.26 -0.77
C GLN B 81 -11.42 -15.99 -2.16
N LYS B 82 -12.25 -15.43 -3.03
CA LYS B 82 -11.89 -15.27 -4.43
C LYS B 82 -12.22 -13.87 -4.95
N VAL B 83 -11.30 -13.29 -5.72
CA VAL B 83 -11.59 -12.09 -6.52
C VAL B 83 -11.25 -12.33 -8.00
N ALA B 84 -12.10 -11.86 -8.90
CA ALA B 84 -11.82 -11.93 -10.33
C ALA B 84 -11.28 -10.63 -10.91
N TYR B 85 -10.22 -10.73 -11.71
CA TYR B 85 -9.71 -9.61 -12.50
C TYR B 85 -9.93 -9.80 -14.01
N GLY B 86 -10.92 -9.10 -14.55
CA GLY B 86 -11.28 -9.20 -15.97
C GLY B 86 -10.75 -8.03 -16.78
N ARG B 87 -10.56 -8.24 -18.08
CA ARG B 87 -10.12 -7.17 -18.97
C ARG B 87 -11.30 -6.54 -19.68
N GLU B 88 -11.40 -5.22 -19.62
CA GLU B 88 -12.40 -4.48 -20.40
C GLU B 88 -11.71 -3.56 -21.38
N ARG B 89 -12.48 -2.97 -22.28
CA ARG B 89 -11.97 -1.94 -23.17
C ARG B 89 -12.74 -0.64 -22.97
N THR B 90 -12.00 0.46 -22.83
CA THR B 90 -12.57 1.78 -22.69
C THR B 90 -11.84 2.80 -23.55
N GLU B 94 -8.10 0.07 -22.24
CA GLU B 94 -7.75 -1.27 -21.77
C GLU B 94 -7.42 -1.30 -20.28
N GLN B 95 -8.35 -1.83 -19.48
CA GLN B 95 -8.29 -1.79 -18.02
C GLN B 95 -8.67 -3.13 -17.40
N LEU B 96 -8.29 -3.31 -16.14
CA LEU B 96 -8.71 -4.46 -15.36
C LEU B 96 -9.97 -4.15 -14.54
N CYS B 97 -10.91 -5.10 -14.52
CA CYS B 97 -12.18 -4.94 -13.80
C CYS B 97 -12.23 -5.92 -12.67
N GLU B 98 -12.11 -5.39 -11.45
CA GLU B 98 -12.14 -6.20 -10.26
C GLU B 98 -13.59 -6.51 -9.85
N ARG B 99 -13.88 -7.79 -9.63
CA ARG B 99 -15.14 -8.25 -9.06
C ARG B 99 -14.90 -9.44 -8.15
N PRO B 100 -15.45 -9.40 -6.92
CA PRO B 100 -15.19 -10.60 -6.14
C PRO B 100 -16.27 -11.65 -6.40
N LEU B 101 -15.91 -12.90 -6.18
CA LEU B 101 -16.80 -14.01 -6.43
C LEU B 101 -17.26 -14.49 -5.07
N ASP B 102 -18.20 -15.41 -5.05
CA ASP B 102 -18.65 -16.01 -3.80
C ASP B 102 -17.50 -16.74 -3.14
N ASP B 103 -17.49 -16.75 -1.82
CA ASP B 103 -16.64 -17.68 -1.09
C ASP B 103 -17.08 -19.08 -1.44
N GLU B 104 -16.16 -20.03 -1.33
CA GLU B 104 -16.42 -21.43 -1.69
C GLU B 104 -15.87 -22.37 -0.60
N THR B 105 -16.59 -23.47 -0.38
CA THR B 105 -16.14 -24.58 0.47
C THR B 105 -16.25 -25.88 -0.32
N GLY B 106 -15.53 -26.90 0.12
CA GLY B 106 -15.52 -28.20 -0.54
C GLY B 106 -14.62 -29.15 0.22
N PRO B 107 -14.56 -30.41 -0.23
CA PRO B 107 -13.75 -31.40 0.49
C PRO B 107 -12.25 -31.09 0.45
N PHE B 108 -11.54 -31.48 1.51
CA PHE B 108 -10.09 -31.31 1.59
C PHE B 108 -9.48 -32.52 2.28
N ALA B 109 -8.94 -33.43 1.49
CA ALA B 109 -8.50 -34.74 1.99
C ALA B 109 -7.17 -34.65 2.75
N GLU B 110 -6.25 -33.84 2.22
CA GLU B 110 -5.00 -33.56 2.91
C GLU B 110 -4.39 -32.23 2.48
N LEU B 111 -3.43 -31.74 3.26
CA LEU B 111 -2.73 -30.49 2.97
C LEU B 111 -2.02 -30.58 1.61
N PHE B 112 -1.64 -29.42 1.06
CA PHE B 112 -1.01 -29.41 -0.26
C PHE B 112 0.35 -30.13 -0.24
N LEU B 113 1.14 -29.86 0.79
CA LEU B 113 2.30 -30.68 1.13
C LEU B 113 2.06 -31.28 2.51
N PRO B 114 1.67 -32.58 2.55
CA PRO B 114 1.59 -33.27 3.84
C PRO B 114 2.97 -33.45 4.48
N ARG B 115 3.06 -33.30 5.79
CA ARG B 115 4.34 -33.33 6.48
C ARG B 115 5.10 -34.63 6.20
N ASP B 116 4.37 -35.73 6.06
CA ASP B 116 4.95 -37.06 5.84
C ASP B 116 4.91 -37.55 4.39
N VAL B 117 4.79 -36.62 3.43
CA VAL B 117 4.63 -36.97 2.01
C VAL B 117 5.75 -37.87 1.44
N LEU B 118 6.98 -37.60 1.85
CA LEU B 118 8.16 -38.31 1.35
C LEU B 118 8.25 -39.75 1.85
N ARG B 119 7.57 -40.03 2.95
CA ARG B 119 7.56 -41.37 3.54
C ARG B 119 6.40 -42.17 2.98
N ARG B 120 5.25 -41.54 2.87
CA ARG B 120 4.03 -42.20 2.43
C ARG B 120 4.04 -42.57 0.94
N LEU B 121 4.73 -41.76 0.13
CA LEU B 121 4.79 -41.99 -1.30
C LEU B 121 6.16 -42.53 -1.73
N GLY B 122 6.96 -42.93 -0.74
CA GLY B 122 8.22 -43.63 -0.95
C GLY B 122 9.26 -42.91 -1.78
N ALA B 123 9.62 -41.70 -1.35
CA ALA B 123 10.58 -40.88 -2.08
C ALA B 123 11.97 -41.51 -2.14
N ARG B 124 12.66 -41.29 -3.25
CA ARG B 124 14.06 -41.68 -3.38
C ARG B 124 14.94 -40.46 -3.63
N HIS B 125 16.14 -40.50 -3.06
CA HIS B 125 17.09 -39.41 -3.16
C HIS B 125 17.77 -39.48 -4.52
N ILE B 126 17.45 -38.52 -5.40
CA ILE B 126 18.00 -38.51 -6.77
C ILE B 126 19.40 -37.93 -6.86
N GLY B 127 19.76 -37.15 -5.84
CA GLY B 127 21.06 -36.48 -5.78
C GLY B 127 20.91 -35.09 -5.20
N ARG B 128 21.90 -34.25 -5.47
CA ARG B 128 21.90 -32.90 -4.89
C ARG B 128 22.02 -31.78 -5.92
N ARG B 129 21.38 -30.67 -5.61
CA ARG B 129 21.26 -29.53 -6.50
C ARG B 129 21.32 -28.24 -5.66
N VAL B 130 22.04 -27.24 -6.16
CA VAL B 130 21.93 -25.90 -5.61
C VAL B 130 20.59 -25.33 -6.05
N VAL B 131 19.75 -24.95 -5.07
CA VAL B 131 18.45 -24.35 -5.33
C VAL B 131 18.31 -23.11 -4.45
N LEU B 132 17.99 -21.97 -5.09
CA LEU B 132 17.88 -20.67 -4.42
C LEU B 132 19.15 -20.35 -3.58
N GLY B 133 20.32 -20.71 -4.12
CA GLY B 133 21.61 -20.44 -3.49
C GLY B 133 21.94 -21.31 -2.29
N ARG B 134 21.06 -22.27 -1.98
CA ARG B 134 21.27 -23.24 -0.90
C ARG B 134 21.48 -24.63 -1.50
N GLU B 135 22.35 -25.42 -0.88
CA GLU B 135 22.50 -26.82 -1.21
C GLU B 135 21.24 -27.59 -0.78
N ALA B 136 20.76 -28.45 -1.66
CA ALA B 136 19.45 -29.08 -1.46
C ALA B 136 19.40 -30.56 -1.82
N ASP B 137 18.65 -31.33 -1.02
CA ASP B 137 18.36 -32.73 -1.34
C ASP B 137 17.13 -32.86 -2.24
N GLY B 138 17.31 -33.54 -3.37
CA GLY B 138 16.23 -33.83 -4.30
C GLY B 138 15.55 -35.14 -3.97
N TRP B 139 14.24 -35.04 -3.68
CA TRP B 139 13.44 -36.20 -3.29
C TRP B 139 12.33 -36.44 -4.30
N ARG B 140 12.54 -37.44 -5.17
CA ARG B 140 11.57 -37.79 -6.22
C ARG B 140 10.55 -38.81 -5.73
N TYR B 141 9.28 -38.54 -5.99
CA TYR B 141 8.19 -39.44 -5.61
C TYR B 141 7.03 -39.37 -6.58
N GLN B 142 6.38 -40.51 -6.79
CA GLN B 142 5.26 -40.61 -7.72
C GLN B 142 3.94 -40.26 -7.05
N ARG B 143 3.28 -39.20 -7.52
CA ARG B 143 1.88 -38.98 -7.18
C ARG B 143 1.08 -40.10 -7.86
N PRO B 144 0.11 -40.70 -7.14
CA PRO B 144 -0.54 -41.90 -7.67
C PRO B 144 -1.53 -41.59 -8.81
N GLY B 145 -1.34 -42.25 -9.95
CA GLY B 145 -2.13 -42.01 -11.16
C GLY B 145 -2.13 -40.56 -11.65
N LYS B 146 -1.07 -39.83 -11.32
CA LYS B 146 -0.95 -38.41 -11.67
C LYS B 146 0.41 -38.04 -12.29
N GLY B 147 1.49 -38.64 -11.79
CA GLY B 147 2.82 -38.40 -12.36
C GLY B 147 3.91 -38.18 -11.32
N PRO B 148 5.16 -37.94 -11.76
CA PRO B 148 6.28 -37.75 -10.84
C PRO B 148 6.35 -36.34 -10.23
N SER B 149 6.99 -36.27 -9.07
CA SER B 149 7.21 -35.01 -8.38
C SER B 149 8.60 -35.03 -7.78
N THR B 150 9.19 -33.84 -7.63
CA THR B 150 10.44 -33.72 -6.89
C THR B 150 10.30 -32.62 -5.84
N LEU B 151 10.65 -32.95 -4.60
CA LEU B 151 10.67 -31.97 -3.52
C LEU B 151 12.11 -31.72 -3.13
N TYR B 152 12.53 -30.47 -3.23
CA TYR B 152 13.87 -30.09 -2.80
C TYR B 152 13.80 -29.49 -1.42
N LEU B 153 14.51 -30.14 -0.50
CA LEU B 153 14.66 -29.70 0.87
C LEU B 153 16.06 -29.16 1.08
N ASP B 154 16.17 -28.11 1.89
CA ASP B 154 17.45 -27.55 2.24
C ASP B 154 18.25 -28.68 2.90
N ALA B 155 19.42 -28.97 2.35
CA ALA B 155 20.21 -30.12 2.80
C ALA B 155 20.83 -29.97 4.20
N ALA B 156 20.57 -28.83 4.85
CA ALA B 156 21.04 -28.62 6.22
C ALA B 156 19.86 -28.39 7.21
N SER B 157 19.01 -27.23 6.88
CA SER B 157 17.93 -26.90 7.82
C SER B 157 16.71 -27.89 7.65
N GLY B 158 16.63 -28.48 6.46
CA GLY B 158 15.54 -29.40 6.15
C GLY B 158 14.24 -28.74 5.68
N THR B 159 14.20 -27.40 5.64
CA THR B 159 13.01 -26.66 5.17
C THR B 159 12.96 -26.70 3.64
N PRO B 160 11.74 -26.61 3.05
CA PRO B 160 11.53 -26.73 1.60
C PRO B 160 12.07 -25.55 0.81
N LEU B 161 12.73 -25.85 -0.31
CA LEU B 161 13.22 -24.83 -1.26
C LEU B 161 12.37 -24.75 -2.54
N ARG B 162 12.12 -25.90 -3.17
CA ARG B 162 11.37 -25.97 -4.43
C ARG B 162 10.52 -27.22 -4.50
N MET B 163 9.28 -27.06 -4.99
CA MET B 163 8.33 -28.14 -5.23
C MET B 163 8.08 -28.30 -6.75
N VAL B 164 8.45 -29.46 -7.29
CA VAL B 164 8.27 -29.76 -8.71
C VAL B 164 7.16 -30.79 -8.87
N THR B 165 6.09 -30.39 -9.57
CA THR B 165 4.95 -31.25 -9.86
C THR B 165 4.95 -31.55 -11.35
N GLY B 166 5.46 -32.73 -11.69
CA GLY B 166 5.69 -33.12 -13.08
C GLY B 166 7.16 -33.39 -13.32
N ASP B 167 7.50 -33.65 -14.58
CA ASP B 167 8.90 -33.87 -14.97
C ASP B 167 9.47 -32.57 -15.55
N GLU B 168 10.43 -31.99 -14.82
CA GLU B 168 11.08 -30.74 -15.22
C GLU B 168 11.73 -30.85 -16.60
N ALA B 169 12.11 -32.07 -16.97
CA ALA B 169 12.71 -32.34 -18.28
C ALA B 169 11.72 -32.26 -19.44
N SER B 170 10.42 -32.41 -19.17
CA SER B 170 9.43 -32.38 -20.25
C SER B 170 8.32 -31.34 -20.04
N ARG B 171 7.62 -31.42 -18.90
CA ARG B 171 6.60 -30.43 -18.51
C ARG B 171 6.28 -30.54 -17.02
N ALA B 172 6.33 -29.40 -16.31
CA ALA B 172 6.18 -29.35 -14.85
C ALA B 172 5.89 -27.97 -14.28
N SER B 173 5.16 -27.96 -13.16
CA SER B 173 4.97 -26.77 -12.34
C SER B 173 6.11 -26.69 -11.35
N LEU B 174 6.61 -25.48 -11.11
CA LEU B 174 7.65 -25.28 -10.11
C LEU B 174 7.19 -24.22 -9.11
N ARG B 175 7.38 -24.50 -7.82
CA ARG B 175 7.05 -23.55 -6.77
C ARG B 175 8.27 -23.38 -5.89
N ASP B 176 8.82 -22.16 -5.85
CA ASP B 176 10.01 -21.87 -5.04
C ASP B 176 9.64 -21.16 -3.74
N PHE B 177 10.40 -21.46 -2.68
CA PHE B 177 10.16 -20.90 -1.36
C PHE B 177 11.41 -20.19 -0.86
N PRO B 178 11.55 -18.88 -1.16
CA PRO B 178 12.78 -18.15 -0.88
C PRO B 178 13.03 -17.70 0.56
N ASN B 179 11.98 -17.62 1.40
CA ASN B 179 12.18 -17.12 2.77
C ASN B 179 11.35 -17.84 3.83
N VAL B 180 11.57 -19.15 3.94
CA VAL B 180 10.80 -19.98 4.87
C VAL B 180 11.10 -19.60 6.32
N SER B 181 10.02 -19.34 7.06
CA SER B 181 10.14 -19.10 8.51
C SER B 181 9.48 -20.28 9.20
N GLU B 182 10.11 -20.80 10.25
CA GLU B 182 9.56 -21.91 11.02
C GLU B 182 8.93 -21.37 12.30
N ALA B 183 8.45 -20.12 12.24
CA ALA B 183 8.04 -19.45 13.47
C ALA B 183 6.57 -19.60 13.77
N GLU B 184 6.26 -19.50 15.07
CA GLU B 184 4.90 -19.36 15.60
C GLU B 184 3.92 -18.73 14.58
N ILE B 185 2.84 -19.43 14.25
CA ILE B 185 1.78 -18.83 13.42
C ILE B 185 0.53 -18.49 14.26
N PRO B 186 0.23 -17.19 14.43
CA PRO B 186 -0.93 -16.76 15.23
C PRO B 186 -2.24 -17.32 14.72
N ASP B 187 -3.18 -17.59 15.64
CA ASP B 187 -4.48 -18.16 15.28
C ASP B 187 -5.17 -17.41 14.15
N ALA B 188 -5.04 -16.09 14.14
CA ALA B 188 -5.82 -15.20 13.25
C ALA B 188 -5.56 -15.44 11.77
N VAL B 189 -4.36 -15.95 11.47
CA VAL B 189 -3.96 -16.30 10.11
C VAL B 189 -4.89 -17.36 9.48
N PHE B 190 -5.39 -18.29 10.31
CA PHE B 190 -6.31 -19.34 9.85
C PHE B 190 -7.78 -19.14 10.24
N ALA B 191 -8.13 -17.95 10.75
CA ALA B 191 -9.50 -17.64 11.20
C ALA B 191 -10.64 -18.12 10.27
N GLU C 8 -31.84 30.26 22.19
CA GLU C 8 -30.68 29.77 23.01
C GLU C 8 -30.91 28.29 23.41
N PRO C 9 -30.05 27.38 22.94
CA PRO C 9 -30.17 25.98 23.30
C PRO C 9 -30.04 25.80 24.81
N PRO C 10 -30.69 24.75 25.38
CA PRO C 10 -30.71 24.63 26.83
C PRO C 10 -29.46 23.94 27.36
N LEU C 11 -29.34 23.89 28.68
CA LEU C 11 -28.25 23.20 29.36
C LEU C 11 -28.70 21.80 29.75
N LEU C 12 -27.73 20.91 29.98
CA LEU C 12 -28.04 19.63 30.62
C LEU C 12 -28.28 19.92 32.11
N PRO C 13 -28.90 18.97 32.86
CA PRO C 13 -29.07 19.19 34.31
C PRO C 13 -27.71 19.43 34.98
N ALA C 14 -27.70 20.17 36.08
CA ALA C 14 -26.47 20.46 36.84
C ALA C 14 -25.74 19.19 37.31
N ARG C 15 -26.53 18.15 37.57
CA ARG C 15 -26.02 16.83 37.91
C ARG C 15 -27.06 15.81 37.47
N TRP C 16 -26.59 14.71 36.90
CA TRP C 16 -27.52 13.64 36.50
C TRP C 16 -26.82 12.29 36.43
N SER C 17 -27.59 11.25 36.71
CA SER C 17 -27.08 9.90 36.60
C SER C 17 -28.20 9.04 36.06
N SER C 18 -27.80 7.99 35.33
CA SER C 18 -28.73 7.14 34.64
C SER C 18 -28.02 5.87 34.21
N ALA C 19 -28.82 4.81 34.04
CA ALA C 19 -28.37 3.67 33.27
C ALA C 19 -28.37 4.17 31.84
N TYR C 20 -27.52 3.58 31.01
CA TYR C 20 -27.58 3.86 29.58
C TYR C 20 -27.68 2.57 28.80
N VAL C 21 -28.26 2.64 27.60
CA VAL C 21 -28.23 1.53 26.66
C VAL C 21 -27.52 2.06 25.42
N SER C 22 -26.53 1.33 24.91
CA SER C 22 -25.70 1.82 23.81
C SER C 22 -25.78 0.87 22.62
N TYR C 23 -26.00 1.43 21.44
CA TYR C 23 -26.20 0.62 20.25
C TYR C 23 -25.91 1.41 18.99
N TRP C 24 -26.43 0.95 17.84
CA TRP C 24 -26.03 1.50 16.55
C TRP C 24 -27.20 1.47 15.60
N SER C 25 -27.20 2.42 14.66
CA SER C 25 -28.18 2.44 13.56
C SER C 25 -27.46 2.66 12.23
N PRO C 26 -27.61 1.73 11.28
CA PRO C 26 -28.29 0.44 11.43
C PRO C 26 -27.40 -0.49 12.25
N MET C 27 -27.95 -1.62 12.68
CA MET C 27 -27.14 -2.63 13.38
C MET C 27 -26.45 -3.50 12.33
N LEU C 28 -25.15 -3.30 12.20
CA LEU C 28 -24.33 -4.14 11.32
C LEU C 28 -23.99 -5.43 12.08
N PRO C 29 -23.58 -6.50 11.36
CA PRO C 29 -23.37 -7.80 12.03
C PRO C 29 -22.37 -7.85 13.20
N ASP C 30 -21.34 -7.00 13.18
CA ASP C 30 -20.40 -6.93 14.30
C ASP C 30 -20.83 -5.94 15.40
N ASP C 31 -21.90 -5.17 15.14
CA ASP C 31 -22.42 -4.21 16.13
C ASP C 31 -23.01 -4.88 17.35
N GLN C 32 -22.82 -4.22 18.48
CA GLN C 32 -23.14 -4.72 19.79
C GLN C 32 -24.15 -3.78 20.50
N LEU C 33 -25.08 -4.38 21.24
CA LEU C 33 -26.00 -3.66 22.08
C LEU C 33 -25.50 -3.87 23.50
N THR C 34 -25.15 -2.78 24.17
CA THR C 34 -24.60 -2.87 25.53
C THR C 34 -25.35 -1.95 26.50
N SER C 35 -25.06 -2.10 27.79
CA SER C 35 -25.69 -1.30 28.80
C SER C 35 -24.73 -1.02 29.94
N GLY C 36 -24.98 0.04 30.67
CA GLY C 36 -24.10 0.44 31.75
C GLY C 36 -24.79 1.42 32.65
N TYR C 37 -23.99 2.14 33.42
CA TYR C 37 -24.48 3.24 34.23
C TYR C 37 -23.53 4.40 34.06
N CYS C 38 -24.03 5.63 34.22
CA CYS C 38 -23.20 6.83 34.08
C CYS C 38 -23.63 7.90 35.08
N TRP C 39 -22.72 8.83 35.36
CA TRP C 39 -22.91 9.91 36.32
C TRP C 39 -22.17 11.16 35.83
N PHE C 40 -22.84 12.30 35.94
CA PHE C 40 -22.28 13.59 35.52
C PHE C 40 -22.57 14.61 36.60
N ASP C 41 -21.53 15.20 37.14
CA ASP C 41 -21.64 16.23 38.14
C ASP C 41 -20.89 17.43 37.60
N TYR C 42 -21.61 18.42 37.12
CA TYR C 42 -20.93 19.54 36.44
C TYR C 42 -20.25 20.52 37.38
N GLU C 43 -20.78 20.62 38.61
CA GLU C 43 -20.12 21.42 39.63
C GLU C 43 -18.73 20.88 40.00
N ARG C 44 -18.63 19.57 40.19
CA ARG C 44 -17.33 18.95 40.42
C ARG C 44 -16.53 18.84 39.14
N ASP C 45 -17.22 18.89 37.99
CA ASP C 45 -16.59 18.88 36.67
C ASP C 45 -15.97 17.51 36.41
N ILE C 46 -16.80 16.48 36.64
CA ILE C 46 -16.34 15.10 36.64
CA ILE C 46 -16.34 15.09 36.63
C ILE C 46 -17.46 14.20 36.12
N CYS C 47 -17.08 13.09 35.50
CA CYS C 47 -18.05 12.12 35.03
C CYS C 47 -17.51 10.70 35.22
N ARG C 48 -18.41 9.73 35.23
CA ARG C 48 -18.04 8.34 35.36
C ARG C 48 -18.94 7.50 34.48
N ILE C 49 -18.32 6.57 33.75
CA ILE C 49 -19.09 5.62 32.95
C ILE C 49 -18.58 4.21 33.21
N ASP C 50 -19.52 3.31 33.56
CA ASP C 50 -19.23 1.90 33.83
C ASP C 50 -20.01 1.04 32.83
N GLY C 51 -19.31 0.31 31.97
CA GLY C 51 -19.94 -0.65 31.09
C GLY C 51 -18.95 -1.34 30.15
N LEU C 52 -19.45 -2.32 29.40
CA LEU C 52 -18.70 -2.95 28.31
C LEU C 52 -18.35 -1.90 27.26
N PHE C 53 -17.08 -1.68 26.95
CA PHE C 53 -16.79 -0.66 25.94
C PHE C 53 -17.50 -0.95 24.59
N ASN C 54 -18.12 0.08 24.01
CA ASN C 54 -18.84 -0.01 22.74
C ASN C 54 -18.45 1.22 21.90
N PRO C 55 -17.78 0.99 20.74
CA PRO C 55 -17.41 -0.28 20.13
C PRO C 55 -16.05 -0.83 20.56
N TRP C 56 -15.97 -2.15 20.62
CA TRP C 56 -14.70 -2.81 20.87
C TRP C 56 -14.65 -4.05 20.01
N SER C 57 -13.54 -4.22 19.29
CA SER C 57 -13.38 -5.35 18.39
C SER C 57 -12.76 -6.55 19.10
N GLU C 58 -13.60 -7.54 19.37
CA GLU C 58 -13.14 -8.80 19.94
C GLU C 58 -12.22 -9.54 18.96
N ARG C 59 -12.52 -9.44 17.68
CA ARG C 59 -11.73 -10.06 16.63
C ARG C 59 -10.30 -9.48 16.50
N ASP C 60 -10.17 -8.16 16.64
CA ASP C 60 -8.87 -7.50 16.51
C ASP C 60 -8.00 -7.59 17.77
N THR C 61 -8.63 -7.59 18.94
CA THR C 61 -7.92 -7.54 20.22
C THR C 61 -7.89 -8.90 20.95
N GLY C 62 -8.81 -9.79 20.60
CA GLY C 62 -8.94 -11.10 21.25
C GLY C 62 -9.78 -11.12 22.52
N TYR C 63 -10.44 -10.01 22.83
CA TYR C 63 -11.26 -9.90 24.04
C TYR C 63 -12.33 -8.81 23.91
N ARG C 64 -13.33 -8.88 24.78
CA ARG C 64 -14.24 -7.75 24.99
C ARG C 64 -13.82 -7.05 26.28
N LEU C 65 -13.92 -5.72 26.27
CA LEU C 65 -13.44 -4.91 27.37
C LEU C 65 -14.60 -4.39 28.20
N TRP C 66 -14.57 -4.65 29.50
CA TRP C 66 -15.41 -3.89 30.42
C TRP C 66 -14.56 -2.72 30.93
N MET C 67 -15.13 -1.53 31.03
CA MET C 67 -14.35 -0.43 31.59
C MET C 67 -15.14 0.48 32.50
N SER C 68 -14.46 1.04 33.49
CA SER C 68 -15.02 2.08 34.32
C SER C 68 -14.04 3.23 34.19
N GLU C 69 -14.55 4.36 33.71
CA GLU C 69 -13.71 5.53 33.50
C GLU C 69 -14.21 6.71 34.33
N VAL C 70 -13.33 7.31 35.11
CA VAL C 70 -13.65 8.53 35.87
C VAL C 70 -12.91 9.70 35.23
N GLY C 71 -13.65 10.58 34.57
CA GLY C 71 -13.07 11.63 33.74
C GLY C 71 -13.21 12.95 34.46
N ASN C 72 -12.09 13.47 34.95
CA ASN C 72 -12.06 14.73 35.69
C ASN C 72 -11.59 15.85 34.77
N ALA C 73 -12.51 16.75 34.42
CA ALA C 73 -12.21 17.86 33.50
C ALA C 73 -11.57 19.01 34.24
N ALA C 74 -11.79 19.08 35.56
CA ALA C 74 -11.12 20.05 36.44
C ALA C 74 -9.61 19.76 36.58
N SER C 75 -9.24 18.52 36.87
CA SER C 75 -7.84 18.15 36.96
C SER C 75 -7.24 17.87 35.58
N GLY C 76 -8.11 17.56 34.61
CA GLY C 76 -7.67 17.22 33.25
C GLY C 76 -7.08 15.81 33.20
N ARG C 77 -7.54 14.95 34.10
CA ARG C 77 -7.00 13.61 34.22
C ARG C 77 -8.14 12.60 34.17
N THR C 78 -7.83 11.43 33.63
CA THR C 78 -8.76 10.33 33.64
C THR C 78 -8.12 9.11 34.29
N TRP C 79 -8.96 8.25 34.82
CA TRP C 79 -8.56 6.98 35.42
C TRP C 79 -9.47 5.92 34.79
N LYS C 80 -8.90 4.80 34.38
CA LYS C 80 -9.71 3.76 33.79
C LYS C 80 -9.38 2.43 34.44
N GLN C 81 -10.43 1.80 34.96
CA GLN C 81 -10.35 0.42 35.42
C GLN C 81 -10.75 -0.47 34.25
N LYS C 82 -10.00 -1.56 34.04
CA LYS C 82 -10.21 -2.40 32.87
C LYS C 82 -10.18 -3.86 33.21
N VAL C 83 -11.17 -4.58 32.68
CA VAL C 83 -11.21 -6.02 32.71
C VAL C 83 -11.40 -6.55 31.29
N ALA C 84 -10.61 -7.55 30.94
CA ALA C 84 -10.67 -8.15 29.62
C ALA C 84 -11.37 -9.49 29.71
N TYR C 85 -12.25 -9.74 28.74
CA TYR C 85 -13.00 -10.99 28.62
C TYR C 85 -12.65 -11.66 27.29
N GLY C 86 -11.72 -12.62 27.37
CA GLY C 86 -11.28 -13.38 26.20
C GLY C 86 -11.93 -14.75 26.11
N ARG C 87 -11.81 -15.41 24.97
CA ARG C 87 -12.56 -16.64 24.70
C ARG C 87 -11.77 -17.94 24.80
N GLU C 94 -16.81 -21.38 23.58
CA GLU C 94 -16.78 -22.32 24.69
C GLU C 94 -16.75 -21.63 26.06
N GLN C 95 -15.67 -20.91 26.35
CA GLN C 95 -15.42 -20.35 27.69
C GLN C 95 -14.95 -18.90 27.66
N LEU C 96 -15.53 -18.08 28.53
CA LEU C 96 -15.01 -16.73 28.76
C LEU C 96 -13.98 -16.68 29.88
N CYS C 97 -12.87 -15.96 29.63
CA CYS C 97 -11.77 -15.87 30.58
C CYS C 97 -11.49 -14.42 31.01
N GLU C 98 -11.87 -14.11 32.25
CA GLU C 98 -11.65 -12.79 32.83
C GLU C 98 -10.18 -12.59 33.18
N ARG C 99 -9.69 -11.41 32.86
CA ARG C 99 -8.34 -11.00 33.15
C ARG C 99 -8.38 -9.50 33.41
N PRO C 100 -8.04 -9.06 34.64
CA PRO C 100 -8.01 -7.62 34.82
C PRO C 100 -6.82 -7.05 34.07
N LEU C 101 -6.96 -5.83 33.58
CA LEU C 101 -5.83 -5.14 32.98
C LEU C 101 -5.29 -4.15 34.00
N ASP C 102 -4.14 -3.55 33.72
CA ASP C 102 -3.68 -2.46 34.56
C ASP C 102 -4.70 -1.33 34.48
N ASP C 103 -4.86 -0.61 35.59
CA ASP C 103 -5.55 0.68 35.57
C ASP C 103 -4.77 1.55 34.61
N GLU C 104 -5.48 2.45 33.95
CA GLU C 104 -4.84 3.39 33.05
C GLU C 104 -5.20 4.81 33.47
N THR C 105 -4.17 5.66 33.50
CA THR C 105 -4.37 7.09 33.75
C THR C 105 -3.82 7.81 32.54
N GLY C 106 -4.24 9.06 32.35
CA GLY C 106 -3.86 9.85 31.19
C GLY C 106 -4.64 11.16 31.12
N PRO C 107 -4.32 12.02 30.11
CA PRO C 107 -5.00 13.29 29.86
C PRO C 107 -6.49 13.14 29.59
N PHE C 108 -7.23 14.17 29.94
CA PHE C 108 -8.67 14.21 29.72
C PHE C 108 -9.07 15.66 29.52
N ALA C 109 -9.56 15.98 28.33
CA ALA C 109 -9.82 17.37 27.97
C ALA C 109 -11.19 17.78 28.50
N GLU C 110 -12.21 17.04 28.12
CA GLU C 110 -13.55 17.41 28.55
C GLU C 110 -14.46 16.23 28.79
N LEU C 111 -15.43 16.46 29.67
CA LEU C 111 -16.51 15.53 29.93
C LEU C 111 -17.12 15.02 28.60
N PHE C 112 -17.59 13.80 28.63
CA PHE C 112 -18.15 13.19 27.44
C PHE C 112 -19.39 13.95 26.94
N LEU C 113 -20.15 14.51 27.87
CA LEU C 113 -21.31 15.36 27.59
C LEU C 113 -21.17 16.66 28.42
N PRO C 114 -20.49 17.68 27.85
CA PRO C 114 -20.29 18.90 28.63
C PRO C 114 -21.64 19.56 28.85
N ARG C 115 -21.82 20.22 29.98
CA ARG C 115 -23.16 20.71 30.34
C ARG C 115 -23.69 21.66 29.29
N ASP C 116 -22.84 22.57 28.83
CA ASP C 116 -23.24 23.60 27.87
C ASP C 116 -22.96 23.22 26.40
N VAL C 117 -22.87 21.93 26.08
CA VAL C 117 -22.42 21.52 24.73
C VAL C 117 -23.27 22.17 23.61
N LEU C 118 -24.59 22.16 23.80
CA LEU C 118 -25.53 22.70 22.80
C LEU C 118 -25.32 24.18 22.54
N ARG C 119 -25.01 24.93 23.60
CA ARG C 119 -24.68 26.35 23.48
C ARG C 119 -23.32 26.54 22.81
N ARG C 120 -22.28 25.91 23.34
CA ARG C 120 -20.92 26.10 22.80
C ARG C 120 -20.84 25.75 21.30
N LEU C 121 -21.54 24.68 20.92
CA LEU C 121 -21.47 24.18 19.55
C LEU C 121 -22.59 24.71 18.63
N GLY C 122 -23.41 25.63 19.14
CA GLY C 122 -24.41 26.33 18.31
C GLY C 122 -25.54 25.44 17.81
N ALA C 123 -26.02 24.55 18.67
CA ALA C 123 -27.08 23.61 18.31
C ALA C 123 -28.39 24.29 17.89
N ARG C 124 -29.08 23.67 16.94
CA ARG C 124 -30.41 24.13 16.53
C ARG C 124 -31.49 23.11 16.92
N HIS C 125 -32.69 23.62 17.20
CA HIS C 125 -33.87 22.80 17.52
C HIS C 125 -34.41 22.20 16.24
N ILE C 126 -34.47 20.87 16.18
CA ILE C 126 -35.00 20.17 15.01
C ILE C 126 -36.45 19.68 15.22
N GLY C 127 -37.08 20.13 16.29
CA GLY C 127 -38.48 19.76 16.57
C GLY C 127 -38.56 18.67 17.62
N ARG C 128 -39.75 18.09 17.75
CA ARG C 128 -40.07 17.14 18.81
C ARG C 128 -40.32 15.71 18.32
N ARG C 129 -39.93 14.75 19.16
CA ARG C 129 -39.98 13.33 18.83
C ARG C 129 -40.28 12.60 20.13
N VAL C 130 -40.99 11.49 20.07
CA VAL C 130 -41.12 10.64 21.26
C VAL C 130 -39.87 9.77 21.38
N VAL C 131 -39.21 9.87 22.52
CA VAL C 131 -38.08 9.00 22.82
C VAL C 131 -38.28 8.37 24.21
N LEU C 132 -38.23 7.04 24.26
CA LEU C 132 -38.44 6.29 25.51
C LEU C 132 -39.78 6.69 26.13
N GLY C 133 -40.84 6.76 25.31
CA GLY C 133 -42.18 7.07 25.79
C GLY C 133 -42.34 8.48 26.34
N ARG C 134 -41.36 9.34 26.11
CA ARG C 134 -41.40 10.76 26.51
C ARG C 134 -41.30 11.73 25.33
N GLU C 135 -42.07 12.82 25.39
CA GLU C 135 -41.86 13.96 24.48
C GLU C 135 -40.44 14.53 24.64
N ALA C 136 -39.67 14.52 23.55
CA ALA C 136 -38.29 14.99 23.60
C ALA C 136 -38.06 16.11 22.61
N ASP C 137 -37.19 17.05 22.97
CA ASP C 137 -36.73 18.06 22.01
C ASP C 137 -35.44 17.58 21.38
N GLY C 138 -35.35 17.69 20.06
CA GLY C 138 -34.10 17.35 19.37
C GLY C 138 -33.27 18.60 19.13
N TRP C 139 -31.99 18.49 19.47
CA TRP C 139 -31.00 19.56 19.30
C TRP C 139 -29.84 19.03 18.51
N ARG C 140 -29.64 19.59 17.31
CA ARG C 140 -28.60 19.12 16.39
C ARG C 140 -27.44 20.09 16.31
N TYR C 141 -26.22 19.54 16.25
CA TYR C 141 -25.00 20.32 16.17
C TYR C 141 -23.91 19.53 15.45
N GLN C 142 -22.86 20.23 15.05
CA GLN C 142 -21.71 19.61 14.41
C GLN C 142 -20.55 19.56 15.40
N ARG C 143 -19.90 18.41 15.46
CA ARG C 143 -18.65 18.30 16.20
C ARG C 143 -17.51 18.82 15.29
N PRO C 144 -16.67 19.73 15.81
CA PRO C 144 -15.59 20.35 15.03
C PRO C 144 -14.70 19.31 14.33
N GLY C 145 -14.73 19.32 12.99
CA GLY C 145 -13.98 18.37 12.14
C GLY C 145 -14.34 16.90 12.31
N LYS C 146 -15.54 16.63 12.84
CA LYS C 146 -15.93 15.26 13.21
C LYS C 146 -17.28 14.76 12.69
N GLY C 147 -18.24 15.67 12.46
CA GLY C 147 -19.57 15.22 11.99
C GLY C 147 -20.75 15.58 12.90
N PRO C 148 -21.97 15.19 12.49
CA PRO C 148 -23.15 15.66 13.23
C PRO C 148 -23.47 14.84 14.49
N SER C 149 -24.09 15.50 15.46
CA SER C 149 -24.60 14.84 16.65
C SER C 149 -25.99 15.38 16.91
N THR C 150 -26.83 14.60 17.57
CA THR C 150 -28.14 15.05 17.99
C THR C 150 -28.36 14.68 19.45
N LEU C 151 -28.91 15.59 20.23
CA LEU C 151 -29.23 15.31 21.62
C LEU C 151 -30.70 15.53 21.86
N TYR C 152 -31.37 14.49 22.34
CA TYR C 152 -32.79 14.56 22.66
C TYR C 152 -32.94 14.75 24.16
N LEU C 153 -33.62 15.83 24.53
CA LEU C 153 -33.83 16.18 25.92
C LEU C 153 -35.31 16.10 26.27
N ASP C 154 -35.64 15.61 27.46
CA ASP C 154 -37.02 15.60 27.91
C ASP C 154 -37.60 17.02 27.83
N ALA C 155 -38.77 17.12 27.20
CA ALA C 155 -39.39 18.41 26.86
C ALA C 155 -39.89 19.16 28.09
N ALA C 156 -40.32 18.43 29.11
CA ALA C 156 -40.74 19.04 30.37
C ALA C 156 -39.58 19.19 31.35
N SER C 157 -38.82 18.12 31.58
CA SER C 157 -37.79 18.09 32.62
C SER C 157 -36.38 18.53 32.23
N GLY C 158 -36.10 18.54 30.92
CA GLY C 158 -34.74 18.85 30.42
C GLY C 158 -33.67 17.79 30.63
N THR C 159 -34.06 16.60 31.09
CA THR C 159 -33.09 15.51 31.31
C THR C 159 -32.79 14.83 29.97
N PRO C 160 -31.54 14.35 29.77
CA PRO C 160 -31.21 13.67 28.51
C PRO C 160 -31.96 12.36 28.30
N LEU C 161 -32.34 12.09 27.06
CA LEU C 161 -33.03 10.85 26.71
C LEU C 161 -32.23 9.99 25.73
N ARG C 162 -31.57 10.65 24.78
CA ARG C 162 -30.81 9.96 23.75
C ARG C 162 -29.74 10.84 23.16
N MET C 163 -28.54 10.30 23.07
CA MET C 163 -27.40 10.96 22.45
C MET C 163 -27.10 10.26 21.13
N VAL C 164 -27.29 10.97 20.02
CA VAL C 164 -26.97 10.39 18.70
C VAL C 164 -25.64 10.98 18.21
N THR C 165 -24.69 10.11 17.84
CA THR C 165 -23.37 10.53 17.32
C THR C 165 -23.22 10.01 15.90
N GLY C 166 -23.25 10.93 14.95
CA GLY C 166 -23.32 10.58 13.53
C GLY C 166 -24.69 10.91 13.00
N ASP C 167 -24.90 10.61 11.72
CA ASP C 167 -26.17 10.85 11.05
C ASP C 167 -27.01 9.59 11.23
N GLU C 168 -28.14 9.71 11.92
CA GLU C 168 -28.97 8.53 12.22
C GLU C 168 -29.61 7.96 10.98
N ALA C 169 -29.70 8.79 9.93
CA ALA C 169 -30.23 8.34 8.66
C ALA C 169 -29.26 7.43 7.89
N SER C 170 -27.96 7.47 8.23
CA SER C 170 -26.97 6.66 7.49
C SER C 170 -26.11 5.71 8.36
N ARG C 171 -25.38 6.27 9.32
CA ARG C 171 -24.70 5.49 10.36
C ARG C 171 -24.46 6.35 11.59
N ALA C 172 -24.92 5.86 12.74
CA ALA C 172 -24.74 6.57 14.01
C ALA C 172 -24.71 5.63 15.22
N SER C 173 -23.99 6.07 16.24
CA SER C 173 -24.08 5.48 17.55
C SER C 173 -25.27 6.13 18.28
N LEU C 174 -26.07 5.30 18.94
CA LEU C 174 -27.19 5.79 19.78
C LEU C 174 -26.95 5.33 21.21
N ARG C 175 -27.07 6.27 22.16
CA ARG C 175 -27.11 5.98 23.59
C ARG C 175 -28.38 6.54 24.21
N ASP C 176 -29.11 5.68 24.92
CA ASP C 176 -30.39 6.00 25.57
C ASP C 176 -30.25 6.05 27.07
N PHE C 177 -31.04 6.92 27.71
CA PHE C 177 -30.91 7.13 29.15
C PHE C 177 -32.29 6.98 29.74
N PRO C 178 -32.66 5.73 30.13
CA PRO C 178 -34.07 5.47 30.53
C PRO C 178 -34.52 5.84 31.93
N ASN C 179 -33.61 6.19 32.83
CA ASN C 179 -34.00 6.48 34.20
C ASN C 179 -33.17 7.59 34.86
N VAL C 180 -33.12 8.76 34.22
CA VAL C 180 -32.28 9.85 34.71
C VAL C 180 -32.70 10.27 36.12
N SER C 181 -31.71 10.35 37.02
CA SER C 181 -31.92 10.91 38.36
C SER C 181 -31.11 12.18 38.51
N GLU C 182 -31.70 13.19 39.13
CA GLU C 182 -30.97 14.44 39.41
C GLU C 182 -30.52 14.53 40.88
N ALA C 183 -30.59 13.40 41.58
CA ALA C 183 -30.26 13.33 43.00
C ALA C 183 -28.77 13.52 43.20
N GLU C 184 -28.39 13.95 44.39
CA GLU C 184 -26.98 14.21 44.68
C GLU C 184 -26.13 12.95 44.55
N ILE C 185 -24.93 13.13 44.02
CA ILE C 185 -24.01 12.04 43.75
C ILE C 185 -22.94 12.03 44.85
N PRO C 186 -22.89 10.96 45.68
CA PRO C 186 -21.87 10.97 46.74
C PRO C 186 -20.46 11.07 46.15
N ASP C 187 -19.55 11.73 46.86
CA ASP C 187 -18.20 11.96 46.38
C ASP C 187 -17.48 10.64 46.08
N ALA C 188 -17.87 9.57 46.79
CA ALA C 188 -17.31 8.22 46.64
C ALA C 188 -17.45 7.62 45.24
N VAL C 189 -18.52 7.97 44.53
CA VAL C 189 -18.72 7.59 43.13
C VAL C 189 -17.53 8.01 42.24
N PHE C 190 -16.99 9.20 42.49
CA PHE C 190 -15.85 9.72 41.70
C PHE C 190 -14.45 9.48 42.29
N ALA C 191 -14.30 8.56 43.24
CA ALA C 191 -13.01 8.34 43.91
C ALA C 191 -11.87 7.90 42.98
N ALA C 192 -12.20 7.27 41.84
CA ALA C 192 -11.17 6.84 40.86
C ALA C 192 -10.14 5.92 41.51
N LYS C 193 -10.64 5.05 42.39
CA LYS C 193 -9.89 3.95 42.99
C LYS C 193 -10.82 2.76 42.83
N ARG C 194 -10.26 1.57 42.64
CA ARG C 194 -11.11 0.42 42.37
C ARG C 194 -12.01 0.15 43.58
N PRO D 10 -19.36 -16.24 57.01
CA PRO D 10 -19.00 -14.96 56.35
C PRO D 10 -20.23 -14.22 55.85
N LEU D 11 -20.56 -13.10 56.50
CA LEU D 11 -21.71 -12.28 56.14
C LEU D 11 -21.29 -11.26 55.09
N LEU D 12 -22.16 -11.02 54.11
CA LEU D 12 -21.92 -9.99 53.10
C LEU D 12 -21.90 -8.59 53.71
N PRO D 13 -21.23 -7.62 53.03
CA PRO D 13 -21.12 -6.27 53.60
C PRO D 13 -22.49 -5.70 53.91
N ALA D 14 -22.57 -4.84 54.92
CA ALA D 14 -23.85 -4.26 55.37
C ALA D 14 -24.62 -3.60 54.22
N ARG D 15 -23.89 -2.92 53.35
CA ARG D 15 -24.41 -2.36 52.10
C ARG D 15 -23.28 -2.51 51.11
N TRP D 16 -23.60 -2.81 49.85
CA TRP D 16 -22.59 -2.80 48.78
C TRP D 16 -23.20 -2.49 47.43
N SER D 17 -22.42 -1.89 46.54
CA SER D 17 -22.89 -1.60 45.18
C SER D 17 -21.74 -1.81 44.19
N SER D 18 -22.03 -2.15 42.95
CA SER D 18 -20.97 -2.49 42.00
C SER D 18 -21.46 -2.46 40.59
N ALA D 19 -20.57 -2.23 39.63
CA ALA D 19 -20.85 -2.64 38.26
C ALA D 19 -20.94 -4.17 38.27
N TYR D 20 -21.64 -4.75 37.30
CA TYR D 20 -21.59 -6.19 37.08
C TYR D 20 -21.44 -6.49 35.60
N VAL D 21 -20.89 -7.68 35.32
CA VAL D 21 -20.71 -8.17 33.98
C VAL D 21 -21.29 -9.56 34.08
N SER D 22 -22.27 -9.84 33.23
CA SER D 22 -23.05 -11.05 33.35
C SER D 22 -22.91 -11.87 32.10
N TYR D 23 -22.70 -13.17 32.30
CA TYR D 23 -22.43 -14.13 31.21
C TYR D 23 -22.64 -15.57 31.65
N TRP D 24 -22.08 -16.52 30.90
CA TRP D 24 -22.46 -17.92 30.99
C TRP D 24 -21.26 -18.82 30.80
N SER D 25 -21.28 -19.95 31.51
CA SER D 25 -20.34 -21.05 31.32
C SER D 25 -21.06 -22.41 31.20
N PRO D 26 -20.93 -23.08 30.03
CA PRO D 26 -20.24 -22.59 28.84
C PRO D 26 -20.93 -21.44 28.12
N MET D 27 -20.20 -20.74 27.27
CA MET D 27 -20.73 -19.60 26.52
C MET D 27 -21.34 -20.13 25.22
N LEU D 28 -22.66 -20.11 25.13
CA LEU D 28 -23.34 -20.67 23.98
C LEU D 28 -23.40 -19.66 22.83
N PRO D 29 -23.50 -20.15 21.58
CA PRO D 29 -23.52 -19.24 20.43
C PRO D 29 -24.43 -18.05 20.66
N ASP D 30 -25.68 -18.29 21.09
CA ASP D 30 -26.66 -17.23 21.33
C ASP D 30 -26.59 -16.49 22.69
N ASP D 31 -25.65 -16.89 23.55
CA ASP D 31 -25.47 -16.23 24.84
C ASP D 31 -24.79 -14.88 24.73
N GLN D 32 -25.34 -13.91 25.45
CA GLN D 32 -24.79 -12.56 25.49
C GLN D 32 -23.93 -12.29 26.72
N LEU D 33 -22.90 -11.50 26.50
CA LEU D 33 -22.12 -10.87 27.54
C LEU D 33 -22.71 -9.47 27.77
N THR D 34 -23.18 -9.21 29.00
CA THR D 34 -23.86 -7.94 29.33
C THR D 34 -23.24 -7.30 30.58
N SER D 35 -23.57 -6.02 30.81
CA SER D 35 -23.12 -5.30 31.99
C SER D 35 -24.21 -4.39 32.55
N GLY D 36 -24.04 -3.97 33.79
CA GLY D 36 -25.00 -3.12 34.44
C GLY D 36 -24.43 -2.61 35.74
N TYR D 37 -25.33 -2.29 36.68
CA TYR D 37 -24.94 -1.80 38.01
C TYR D 37 -25.97 -2.31 39.00
N CYS D 38 -25.57 -2.54 40.23
CA CYS D 38 -26.50 -3.10 41.20
C CYS D 38 -26.18 -2.49 42.56
N TRP D 39 -27.16 -2.49 43.46
CA TRP D 39 -27.04 -1.91 44.79
C TRP D 39 -27.70 -2.84 45.80
N PHE D 40 -27.06 -3.07 46.93
CA PHE D 40 -27.64 -3.93 47.97
C PHE D 40 -27.53 -3.22 49.31
N ASP D 41 -28.66 -3.02 49.97
CA ASP D 41 -28.70 -2.38 51.30
C ASP D 41 -29.46 -3.29 52.25
N TYR D 42 -28.73 -4.01 53.09
CA TYR D 42 -29.36 -5.05 53.94
C TYR D 42 -30.10 -4.51 55.16
N GLU D 43 -29.86 -3.26 55.52
CA GLU D 43 -30.55 -2.63 56.64
C GLU D 43 -31.94 -2.15 56.22
N ARG D 44 -32.03 -1.49 55.07
CA ARG D 44 -33.33 -1.15 54.50
C ARG D 44 -34.03 -2.41 54.01
N ASP D 45 -33.23 -3.42 53.64
CA ASP D 45 -33.72 -4.70 53.10
C ASP D 45 -34.30 -4.48 51.71
N ILE D 46 -33.43 -4.05 50.80
CA ILE D 46 -33.82 -3.64 49.47
C ILE D 46 -32.58 -3.75 48.56
N CYS D 47 -32.79 -4.04 47.28
CA CYS D 47 -31.70 -4.06 46.29
C CYS D 47 -32.19 -3.43 45.00
N ARG D 48 -31.26 -3.01 44.13
CA ARG D 48 -31.61 -2.54 42.80
C ARG D 48 -30.65 -3.13 41.78
N ILE D 49 -31.17 -3.48 40.61
CA ILE D 49 -30.34 -3.96 39.52
C ILE D 49 -30.78 -3.29 38.22
N ASP D 50 -29.87 -2.53 37.58
CA ASP D 50 -30.09 -1.99 36.23
C ASP D 50 -29.21 -2.70 35.20
N GLY D 51 -29.76 -3.07 34.05
CA GLY D 51 -28.96 -3.61 32.96
C GLY D 51 -29.82 -4.38 31.99
N LEU D 52 -29.22 -4.73 30.85
CA LEU D 52 -29.91 -5.56 29.87
C LEU D 52 -30.11 -6.92 30.51
N PHE D 53 -31.35 -7.41 30.49
CA PHE D 53 -31.66 -8.68 31.11
C PHE D 53 -30.92 -9.83 30.40
N ASN D 54 -30.32 -10.70 31.21
CA ASN D 54 -29.56 -11.85 30.74
C ASN D 54 -30.02 -13.04 31.61
N PRO D 55 -30.47 -14.14 31.01
CA PRO D 55 -30.60 -14.41 29.57
C PRO D 55 -31.91 -13.88 29.03
N TRP D 56 -31.85 -13.30 27.84
CA TRP D 56 -33.08 -12.94 27.12
C TRP D 56 -32.93 -13.25 25.63
N SER D 57 -33.78 -14.16 25.16
CA SER D 57 -33.80 -14.59 23.77
C SER D 57 -34.53 -13.56 22.88
N GLU D 58 -33.76 -12.82 22.09
CA GLU D 58 -34.29 -12.02 20.99
C GLU D 58 -34.86 -12.94 19.89
N ARG D 59 -34.16 -14.06 19.67
CA ARG D 59 -34.64 -15.10 18.77
C ARG D 59 -36.09 -15.50 19.10
N ASP D 60 -36.32 -15.93 20.33
CA ASP D 60 -37.61 -16.51 20.70
C ASP D 60 -38.68 -15.44 20.85
N THR D 61 -38.22 -14.21 21.03
CA THR D 61 -39.04 -13.15 21.57
C THR D 61 -39.16 -11.97 20.61
N GLY D 62 -38.11 -11.71 19.84
CA GLY D 62 -38.07 -10.56 18.92
C GLY D 62 -37.34 -9.32 19.45
N TYR D 63 -36.96 -9.33 20.72
CA TYR D 63 -36.40 -8.17 21.36
C TYR D 63 -35.42 -8.46 22.50
N ARG D 64 -34.67 -7.45 22.88
CA ARG D 64 -33.81 -7.53 24.05
C ARG D 64 -34.43 -6.63 25.12
N LEU D 65 -34.40 -7.08 26.36
CA LEU D 65 -35.03 -6.34 27.43
C LEU D 65 -33.97 -5.59 28.25
N TRP D 66 -34.15 -4.28 28.44
CA TRP D 66 -33.41 -3.55 29.48
C TRP D 66 -34.33 -3.40 30.68
N MET D 67 -33.81 -3.59 31.88
CA MET D 67 -34.66 -3.52 33.07
C MET D 67 -33.98 -2.87 34.25
N SER D 68 -34.74 -2.05 34.97
CA SER D 68 -34.32 -1.60 36.30
C SER D 68 -35.34 -2.16 37.29
N GLU D 69 -34.84 -2.95 38.23
CA GLU D 69 -35.68 -3.61 39.21
C GLU D 69 -35.27 -3.20 40.63
N VAL D 70 -36.24 -2.76 41.41
CA VAL D 70 -36.03 -2.50 42.82
C VAL D 70 -36.78 -3.57 43.59
N GLY D 71 -36.03 -4.47 44.23
CA GLY D 71 -36.62 -5.58 44.95
C GLY D 71 -36.60 -5.30 46.44
N ASN D 72 -37.77 -5.12 47.02
CA ASN D 72 -37.95 -4.74 48.42
C ASN D 72 -38.36 -5.95 49.25
N ALA D 73 -37.41 -6.61 49.91
CA ALA D 73 -37.74 -7.79 50.71
C ALA D 73 -38.50 -7.43 52.00
N ALA D 74 -38.42 -6.17 52.42
CA ALA D 74 -39.18 -5.69 53.57
C ALA D 74 -40.70 -5.72 53.32
N SER D 75 -41.14 -5.19 52.19
CA SER D 75 -42.54 -5.22 51.82
C SER D 75 -42.95 -6.56 51.18
N GLY D 76 -41.96 -7.29 50.69
CA GLY D 76 -42.20 -8.53 49.97
C GLY D 76 -42.66 -8.28 48.56
N ARG D 77 -42.26 -7.13 48.01
CA ARG D 77 -42.70 -6.68 46.68
C ARG D 77 -41.53 -6.21 45.83
N THR D 78 -41.62 -6.47 44.53
CA THR D 78 -40.64 -5.97 43.57
C THR D 78 -41.28 -4.95 42.61
N TRP D 79 -40.44 -4.11 41.99
CA TRP D 79 -40.91 -3.14 41.00
C TRP D 79 -39.89 -3.10 39.86
N LYS D 80 -40.41 -3.11 38.65
CA LYS D 80 -39.61 -3.27 37.45
C LYS D 80 -40.01 -2.23 36.39
N GLN D 81 -39.03 -1.43 35.98
CA GLN D 81 -39.17 -0.56 34.81
C GLN D 81 -38.53 -1.32 33.65
N LYS D 82 -39.18 -1.34 32.50
CA LYS D 82 -38.72 -2.18 31.41
C LYS D 82 -38.74 -1.44 30.09
N VAL D 83 -37.70 -1.62 29.29
CA VAL D 83 -37.69 -1.08 27.93
C VAL D 83 -37.35 -2.20 26.95
N ALA D 84 -38.20 -2.39 25.94
CA ALA D 84 -37.91 -3.36 24.90
C ALA D 84 -37.08 -2.77 23.77
N TYR D 85 -36.04 -3.48 23.37
CA TYR D 85 -35.26 -3.12 22.18
C TYR D 85 -35.57 -4.16 21.15
N GLY D 86 -36.62 -3.89 20.37
CA GLY D 86 -37.09 -4.84 19.36
C GLY D 86 -36.36 -4.68 18.04
N ARG D 87 -36.03 -5.81 17.42
CA ARG D 87 -35.41 -5.77 16.11
C ARG D 87 -36.44 -5.48 15.05
N GLU D 88 -36.00 -4.74 14.05
CA GLU D 88 -36.84 -4.50 12.92
C GLU D 88 -35.96 -4.58 11.71
N ARG D 89 -36.49 -5.23 10.67
CA ARG D 89 -35.87 -5.34 9.37
C ARG D 89 -36.50 -4.27 8.50
N THR D 90 -35.76 -3.18 8.32
CA THR D 90 -36.24 -2.05 7.55
C THR D 90 -35.59 -2.02 6.17
N ALA D 91 -35.95 -1.03 5.36
CA ALA D 91 -35.39 -0.87 4.03
C ALA D 91 -33.88 -0.62 4.07
N LEU D 92 -33.37 -0.26 5.25
CA LEU D 92 -31.95 0.05 5.43
C LEU D 92 -31.20 -0.98 6.30
N GLY D 93 -31.78 -2.17 6.44
CA GLY D 93 -31.15 -3.25 7.18
C GLY D 93 -31.79 -3.45 8.53
N GLU D 94 -31.10 -4.17 9.40
CA GLU D 94 -31.56 -4.39 10.76
C GLU D 94 -31.46 -3.10 11.57
N GLN D 95 -32.44 -2.89 12.43
CA GLN D 95 -32.43 -1.77 13.36
C GLN D 95 -32.92 -2.19 14.73
N LEU D 96 -32.54 -1.45 15.76
CA LEU D 96 -33.21 -1.63 17.04
C LEU D 96 -34.30 -0.57 17.23
N CYS D 97 -35.41 -1.04 17.75
CA CYS D 97 -36.60 -0.21 18.00
CA CYS D 97 -36.56 -0.18 18.02
C CYS D 97 -36.87 -0.20 19.50
N GLU D 98 -36.81 0.97 20.10
CA GLU D 98 -36.96 1.12 21.51
C GLU D 98 -38.45 1.37 21.85
N ARG D 99 -39.00 0.53 22.72
CA ARG D 99 -40.35 0.73 23.23
C ARG D 99 -40.39 0.39 24.73
N PRO D 100 -40.84 1.35 25.56
CA PRO D 100 -41.00 1.02 26.97
C PRO D 100 -42.25 0.14 27.15
N LEU D 101 -42.24 -0.64 28.22
CA LEU D 101 -43.32 -1.56 28.48
C LEU D 101 -43.96 -1.12 29.79
N ASP D 102 -45.07 -1.73 30.17
CA ASP D 102 -45.67 -1.48 31.47
C ASP D 102 -44.63 -1.74 32.58
N ASP D 103 -44.67 -0.92 33.63
CA ASP D 103 -43.99 -1.25 34.87
C ASP D 103 -44.66 -2.51 35.41
N GLU D 104 -43.89 -3.31 36.11
CA GLU D 104 -44.37 -4.58 36.61
C GLU D 104 -44.01 -4.71 38.10
N THR D 105 -44.93 -5.28 38.85
CA THR D 105 -44.71 -5.56 40.27
C THR D 105 -45.04 -7.03 40.52
N GLY D 106 -44.58 -7.56 41.65
CA GLY D 106 -44.78 -8.96 41.97
C GLY D 106 -44.19 -9.32 43.33
N PRO D 107 -44.31 -10.60 43.73
CA PRO D 107 -43.81 -11.08 45.01
C PRO D 107 -42.28 -11.10 45.03
N PHE D 108 -41.73 -10.75 46.20
CA PHE D 108 -40.28 -10.74 46.36
C PHE D 108 -39.96 -11.24 47.76
N ALA D 109 -39.87 -12.56 47.89
CA ALA D 109 -39.59 -13.17 49.18
C ALA D 109 -38.22 -12.76 49.75
N GLU D 110 -37.17 -12.85 48.93
CA GLU D 110 -35.80 -12.54 49.36
C GLU D 110 -35.04 -11.70 48.32
N LEU D 111 -33.95 -11.04 48.76
CA LEU D 111 -33.08 -10.30 47.85
C LEU D 111 -32.35 -11.31 46.95
N PHE D 112 -31.69 -10.83 45.91
CA PHE D 112 -31.00 -11.73 44.98
C PHE D 112 -29.77 -12.39 45.63
N LEU D 113 -29.15 -11.65 46.54
CA LEU D 113 -28.06 -12.15 47.36
C LEU D 113 -28.29 -11.70 48.78
N PRO D 114 -29.06 -12.49 49.57
CA PRO D 114 -29.26 -12.14 50.96
C PRO D 114 -27.91 -12.17 51.66
N ARG D 115 -27.76 -11.34 52.69
CA ARG D 115 -26.49 -11.18 53.40
C ARG D 115 -25.96 -12.49 53.98
N ASP D 116 -26.89 -13.32 54.46
CA ASP D 116 -26.58 -14.56 55.17
C ASP D 116 -26.68 -15.84 54.31
N VAL D 117 -26.70 -15.69 52.98
CA VAL D 117 -26.85 -16.85 52.06
C VAL D 117 -25.87 -17.99 52.27
N LEU D 118 -24.62 -17.63 52.57
CA LEU D 118 -23.56 -18.60 52.72
C LEU D 118 -23.75 -19.38 53.98
N ARG D 119 -24.30 -18.71 55.00
CA ARG D 119 -24.47 -19.28 56.33
C ARG D 119 -25.75 -20.11 56.42
N ARG D 120 -26.82 -19.60 55.81
CA ARG D 120 -28.10 -20.33 55.73
C ARG D 120 -27.95 -21.63 54.95
N LEU D 121 -27.45 -21.51 53.71
CA LEU D 121 -27.43 -22.63 52.78
C LEU D 121 -26.20 -23.54 52.97
N GLY D 122 -25.42 -23.22 54.01
CA GLY D 122 -24.32 -24.08 54.48
C GLY D 122 -23.20 -24.22 53.47
N ALA D 123 -22.76 -23.09 52.94
CA ALA D 123 -21.67 -23.06 51.96
C ALA D 123 -20.36 -23.63 52.55
N ARG D 124 -19.69 -24.47 51.78
CA ARG D 124 -18.41 -25.00 52.18
C ARG D 124 -17.28 -24.43 51.33
N HIS D 125 -16.23 -23.94 52.00
CA HIS D 125 -15.06 -23.40 51.34
C HIS D 125 -14.48 -24.44 50.37
N ILE D 126 -14.42 -24.10 49.08
CA ILE D 126 -13.88 -25.00 48.06
C ILE D 126 -12.45 -24.63 47.64
N GLY D 127 -11.81 -23.77 48.42
CA GLY D 127 -10.45 -23.30 48.13
C GLY D 127 -10.40 -21.83 47.73
N ARG D 128 -9.20 -21.39 47.39
CA ARG D 128 -8.97 -20.00 47.01
C ARG D 128 -8.45 -19.94 45.58
N ARG D 129 -8.65 -18.78 44.94
CA ARG D 129 -8.07 -18.48 43.62
C ARG D 129 -8.29 -17.02 43.21
N VAL D 130 -7.56 -16.57 42.19
CA VAL D 130 -7.61 -15.19 41.72
C VAL D 130 -8.84 -14.96 40.86
N VAL D 131 -9.69 -14.05 41.32
CA VAL D 131 -10.87 -13.60 40.58
C VAL D 131 -10.81 -12.07 40.46
N LEU D 132 -10.80 -11.58 39.23
CA LEU D 132 -10.76 -10.16 38.90
C LEU D 132 -9.50 -9.48 39.45
N GLY D 133 -8.40 -10.24 39.46
CA GLY D 133 -7.11 -9.78 39.94
C GLY D 133 -6.88 -9.93 41.44
N ARG D 134 -7.82 -10.57 42.13
CA ARG D 134 -7.89 -10.54 43.60
C ARG D 134 -7.99 -11.94 44.17
N GLU D 135 -7.31 -12.17 45.28
CA GLU D 135 -7.40 -13.44 45.99
C GLU D 135 -8.81 -13.63 46.57
N ALA D 136 -9.43 -14.76 46.21
CA ALA D 136 -10.83 -15.00 46.53
C ALA D 136 -11.06 -16.34 47.23
N ASP D 137 -11.94 -16.34 48.23
CA ASP D 137 -12.50 -17.55 48.80
C ASP D 137 -13.71 -17.97 47.96
N GLY D 138 -13.74 -19.23 47.52
CA GLY D 138 -14.93 -19.77 46.83
C GLY D 138 -15.82 -20.50 47.82
N TRP D 139 -17.07 -20.07 47.92
CA TRP D 139 -18.04 -20.65 48.84
C TRP D 139 -19.16 -21.31 48.05
N ARG D 140 -19.32 -22.61 48.25
CA ARG D 140 -20.27 -23.41 47.46
C ARG D 140 -21.46 -23.86 48.29
N TYR D 141 -22.65 -23.52 47.83
CA TYR D 141 -23.88 -23.88 48.52
C TYR D 141 -24.93 -24.40 47.55
N GLN D 142 -25.90 -25.14 48.08
CA GLN D 142 -26.95 -25.73 47.28
C GLN D 142 -28.22 -24.90 47.32
N ARG D 143 -28.92 -24.85 46.20
CA ARG D 143 -30.26 -24.29 46.16
C ARG D 143 -31.23 -25.41 45.74
N PRO D 144 -31.72 -26.21 46.71
CA PRO D 144 -32.62 -27.32 46.35
C PRO D 144 -34.05 -26.86 46.12
N GLY D 147 -30.31 -26.31 42.03
CA GLY D 147 -28.94 -26.83 41.96
C GLY D 147 -27.88 -25.96 42.63
N PRO D 148 -26.60 -26.22 42.33
CA PRO D 148 -25.52 -25.60 43.09
C PRO D 148 -25.25 -24.14 42.69
N SER D 149 -24.59 -23.43 43.59
CA SER D 149 -24.07 -22.10 43.32
C SER D 149 -22.75 -22.00 44.01
N THR D 150 -21.90 -21.09 43.52
CA THR D 150 -20.70 -20.73 44.24
C THR D 150 -20.51 -19.22 44.22
N LEU D 151 -20.12 -18.67 45.37
CA LEU D 151 -19.93 -17.25 45.52
C LEU D 151 -18.52 -16.97 45.96
N TYR D 152 -17.78 -16.26 45.10
CA TYR D 152 -16.38 -15.93 45.35
C TYR D 152 -16.29 -14.59 46.04
N LEU D 153 -15.68 -14.57 47.21
CA LEU D 153 -15.47 -13.34 47.98
C LEU D 153 -14.01 -12.94 48.00
N ASP D 154 -13.77 -11.63 47.95
CA ASP D 154 -12.46 -11.08 48.20
C ASP D 154 -12.00 -11.58 49.57
N ALA D 155 -10.94 -12.39 49.58
CA ALA D 155 -10.51 -13.06 50.79
C ALA D 155 -9.93 -12.09 51.83
N ALA D 156 -9.57 -10.88 51.42
CA ALA D 156 -9.16 -9.87 52.38
C ALA D 156 -10.30 -8.97 52.86
N SER D 157 -11.09 -8.44 51.92
CA SER D 157 -12.06 -7.39 52.24
C SER D 157 -13.49 -7.88 52.45
N GLY D 158 -13.76 -9.14 52.09
CA GLY D 158 -15.06 -9.75 52.26
C GLY D 158 -16.14 -9.35 51.27
N THR D 159 -15.77 -8.58 50.25
CA THR D 159 -16.75 -8.10 49.26
C THR D 159 -16.92 -9.11 48.10
N PRO D 160 -18.11 -9.16 47.49
CA PRO D 160 -18.35 -10.13 46.42
C PRO D 160 -17.56 -9.86 45.16
N LEU D 161 -17.07 -10.92 44.54
CA LEU D 161 -16.28 -10.81 43.30
C LEU D 161 -16.97 -11.50 42.13
N ARG D 162 -17.50 -12.70 42.38
CA ARG D 162 -18.11 -13.51 41.33
C ARG D 162 -19.20 -14.40 41.88
N MET D 163 -20.40 -14.26 41.28
CA MET D 163 -21.57 -15.06 41.62
C MET D 163 -21.86 -16.06 40.49
N VAL D 164 -21.70 -17.34 40.79
CA VAL D 164 -21.95 -18.45 39.88
C VAL D 164 -23.27 -19.08 40.31
N THR D 165 -24.28 -19.03 39.43
CA THR D 165 -25.55 -19.72 39.64
C THR D 165 -25.63 -20.90 38.68
N GLY D 166 -25.54 -22.11 39.23
CA GLY D 166 -25.39 -23.31 38.42
C GLY D 166 -23.99 -23.91 38.54
N ASP D 167 -23.82 -25.09 37.95
CA ASP D 167 -22.54 -25.78 37.95
C ASP D 167 -21.66 -25.26 36.81
N GLU D 168 -20.54 -24.62 37.13
CA GLU D 168 -19.65 -24.06 36.11
C GLU D 168 -19.01 -25.17 35.27
N ARG D 171 -24.33 -25.98 33.08
CA ARG D 171 -24.74 -24.61 32.76
C ARG D 171 -24.74 -23.69 33.99
N ALA D 172 -23.98 -22.60 33.92
CA ALA D 172 -23.92 -21.65 35.00
C ALA D 172 -23.98 -20.20 34.53
N SER D 173 -24.76 -19.39 35.25
CA SER D 173 -24.73 -17.93 35.16
C SER D 173 -23.56 -17.35 35.99
N LEU D 174 -22.73 -16.53 35.34
CA LEU D 174 -21.63 -15.87 36.03
C LEU D 174 -21.89 -14.37 36.06
N ARG D 175 -21.82 -13.79 37.25
CA ARG D 175 -21.89 -12.34 37.41
C ARG D 175 -20.67 -11.88 38.17
N ASP D 176 -19.88 -11.02 37.51
CA ASP D 176 -18.64 -10.48 38.06
C ASP D 176 -18.85 -9.05 38.62
N PHE D 177 -18.18 -8.73 39.73
CA PHE D 177 -18.35 -7.46 40.42
C PHE D 177 -16.98 -6.79 40.57
N PRO D 178 -16.50 -6.11 39.50
CA PRO D 178 -15.14 -5.54 39.40
C PRO D 178 -14.81 -4.34 40.28
N ASN D 179 -15.83 -3.61 40.77
CA ASN D 179 -15.56 -2.39 41.57
C ASN D 179 -16.55 -2.15 42.73
N VAL D 180 -16.63 -3.11 43.67
CA VAL D 180 -17.54 -2.98 44.81
C VAL D 180 -17.19 -1.78 45.67
N SER D 181 -18.22 -1.01 46.01
CA SER D 181 -18.08 0.08 46.94
C SER D 181 -18.97 -0.22 48.12
N GLU D 182 -18.49 0.07 49.32
CA GLU D 182 -19.25 -0.16 50.55
C GLU D 182 -19.87 1.13 51.11
N ALA D 183 -19.91 2.18 50.28
CA ALA D 183 -20.45 3.47 50.70
C ALA D 183 -21.96 3.42 50.97
N GLU D 184 -22.43 4.34 51.82
CA GLU D 184 -23.85 4.51 52.05
C GLU D 184 -24.57 4.78 50.74
N ILE D 185 -25.76 4.22 50.64
CA ILE D 185 -26.56 4.35 49.45
C ILE D 185 -27.70 5.30 49.75
N PRO D 186 -27.76 6.43 49.01
CA PRO D 186 -28.85 7.38 49.22
C PRO D 186 -30.24 6.77 48.94
N ASP D 187 -31.21 7.21 49.73
CA ASP D 187 -32.62 6.87 49.60
C ASP D 187 -33.09 6.82 48.16
N ALA D 188 -32.76 7.90 47.44
CA ALA D 188 -33.19 8.11 46.06
C ALA D 188 -32.88 6.95 45.10
N VAL D 189 -31.83 6.18 45.38
CA VAL D 189 -31.53 4.99 44.59
C VAL D 189 -32.70 3.98 44.59
N PHE D 190 -33.42 3.92 45.70
CA PHE D 190 -34.49 2.93 45.85
C PHE D 190 -35.91 3.53 45.86
N ALA D 191 -36.03 4.82 45.50
CA ALA D 191 -37.31 5.55 45.61
C ALA D 191 -38.46 4.92 44.84
N ALA D 192 -38.11 4.15 43.81
CA ALA D 192 -39.09 3.51 42.95
C ALA D 192 -39.85 2.38 43.65
N GLU E 8 54.64 22.60 -22.29
CA GLU E 8 53.56 23.57 -22.72
C GLU E 8 52.23 22.87 -23.03
N PRO E 9 51.10 23.57 -22.80
CA PRO E 9 49.81 22.92 -22.97
C PRO E 9 49.54 22.46 -24.43
N PRO E 10 48.81 21.35 -24.59
CA PRO E 10 48.55 20.77 -25.91
C PRO E 10 47.54 21.57 -26.75
N LEU E 11 47.63 21.36 -28.06
CA LEU E 11 46.69 21.89 -29.02
C LEU E 11 45.54 20.90 -29.18
N LEU E 12 44.31 21.39 -29.20
CA LEU E 12 43.17 20.53 -29.56
C LEU E 12 43.35 20.01 -30.99
N PRO E 13 42.74 18.85 -31.31
CA PRO E 13 42.99 18.31 -32.66
C PRO E 13 42.49 19.28 -33.73
N ALA E 14 43.11 19.22 -34.92
CA ALA E 14 42.75 20.08 -36.06
C ALA E 14 41.26 20.03 -36.42
N ARG E 15 40.68 18.83 -36.32
CA ARG E 15 39.25 18.66 -36.55
C ARG E 15 38.76 17.47 -35.74
N TRP E 16 37.60 17.63 -35.13
CA TRP E 16 37.03 16.60 -34.31
C TRP E 16 35.51 16.71 -34.23
N SER E 17 34.86 15.57 -34.11
CA SER E 17 33.41 15.52 -33.89
C SER E 17 33.07 14.35 -33.02
N SER E 18 32.06 14.55 -32.18
CA SER E 18 31.65 13.52 -31.24
C SER E 18 30.19 13.68 -30.87
N ALA E 19 29.62 12.60 -30.33
CA ALA E 19 28.44 12.71 -29.50
C ALA E 19 28.85 13.46 -28.22
N TYR E 20 27.89 14.11 -27.56
CA TYR E 20 28.18 14.71 -26.28
C TYR E 20 27.02 14.40 -25.33
N VAL E 21 27.35 14.40 -24.05
CA VAL E 21 26.37 14.23 -22.99
C VAL E 21 26.67 15.39 -22.07
N SER E 22 25.61 16.13 -21.74
CA SER E 22 25.75 17.41 -21.10
C SER E 22 24.91 17.39 -19.84
N TYR E 23 25.49 17.87 -18.74
CA TYR E 23 24.85 17.82 -17.42
C TYR E 23 25.56 18.78 -16.46
N TRP E 24 25.39 18.58 -15.16
CA TRP E 24 25.80 19.53 -14.14
C TRP E 24 26.35 18.83 -12.89
N SER E 25 27.30 19.50 -12.23
CA SER E 25 27.85 19.11 -10.92
C SER E 25 27.83 20.30 -9.94
N PRO E 26 27.04 20.21 -8.86
CA PRO E 26 26.18 19.09 -8.51
C PRO E 26 24.96 19.10 -9.41
N MET E 27 24.16 18.05 -9.35
CA MET E 27 22.96 17.97 -10.12
C MET E 27 21.77 18.44 -9.28
N LEU E 28 21.24 19.62 -9.61
CA LEU E 28 20.12 20.21 -8.89
C LEU E 28 18.79 19.67 -9.43
N PRO E 29 17.70 19.81 -8.66
CA PRO E 29 16.36 19.33 -9.05
C PRO E 29 15.98 19.63 -10.51
N ASP E 30 16.23 20.85 -10.96
CA ASP E 30 15.87 21.26 -12.33
C ASP E 30 16.95 20.97 -13.39
N ASP E 31 18.13 20.55 -12.97
CA ASP E 31 19.21 20.23 -13.91
C ASP E 31 18.82 19.07 -14.82
N GLN E 32 19.21 19.17 -16.08
CA GLN E 32 18.88 18.15 -17.06
C GLN E 32 20.14 17.46 -17.56
N LEU E 33 19.99 16.18 -17.88
CA LEU E 33 21.00 15.37 -18.53
C LEU E 33 20.56 15.26 -19.99
N THR E 34 21.39 15.73 -20.92
CA THR E 34 21.01 15.74 -22.32
C THR E 34 22.10 15.19 -23.19
N SER E 35 21.74 14.80 -24.42
CA SER E 35 22.73 14.32 -25.37
C SER E 35 22.54 14.94 -26.73
N GLY E 36 23.60 14.90 -27.52
CA GLY E 36 23.51 15.32 -28.90
C GLY E 36 24.76 14.96 -29.66
N TYR E 37 25.02 15.74 -30.70
CA TYR E 37 26.21 15.56 -31.54
C TYR E 37 26.85 16.93 -31.82
N CYS E 38 28.16 16.96 -32.03
CA CYS E 38 28.89 18.21 -32.30
C CYS E 38 30.07 18.01 -33.26
N TRP E 39 30.44 19.09 -33.97
CA TRP E 39 31.51 19.08 -34.97
C TRP E 39 32.37 20.33 -34.82
N PHE E 40 33.69 20.15 -34.92
CA PHE E 40 34.62 21.27 -34.83
C PHE E 40 35.69 21.16 -35.91
N ASP E 41 35.66 22.08 -36.87
CA ASP E 41 36.71 22.20 -37.90
C ASP E 41 37.52 23.48 -37.72
N TYR E 42 38.76 23.35 -37.26
CA TYR E 42 39.61 24.51 -36.97
C TYR E 42 40.33 25.10 -38.18
N GLU E 43 40.55 24.29 -39.23
CA GLU E 43 41.08 24.80 -40.49
C GLU E 43 40.04 25.71 -41.13
N ARG E 44 38.80 25.20 -41.21
CA ARG E 44 37.66 25.96 -41.75
C ARG E 44 37.22 27.07 -40.79
N ASP E 45 37.45 26.83 -39.49
CA ASP E 45 37.15 27.82 -38.44
C ASP E 45 35.65 27.85 -38.19
N ILE E 46 35.07 26.66 -38.03
CA ILE E 46 33.63 26.49 -37.95
C ILE E 46 33.26 25.29 -37.07
N CYS E 47 32.12 25.41 -36.39
CA CYS E 47 31.60 24.39 -35.50
C CYS E 47 30.07 24.24 -35.61
N ARG E 48 29.56 23.07 -35.23
CA ARG E 48 28.11 22.83 -35.18
C ARG E 48 27.78 22.02 -33.93
N ILE E 49 26.66 22.35 -33.29
CA ILE E 49 26.11 21.56 -32.18
C ILE E 49 24.61 21.32 -32.39
N ASP E 50 24.21 20.04 -32.29
CA ASP E 50 22.81 19.59 -32.40
C ASP E 50 22.40 18.90 -31.10
N GLY E 51 21.35 19.41 -30.45
CA GLY E 51 20.81 18.75 -29.25
C GLY E 51 19.79 19.57 -28.47
N LEU E 52 19.10 18.91 -27.56
CA LEU E 52 18.26 19.62 -26.57
C LEU E 52 19.15 20.59 -25.81
N PHE E 53 18.79 21.87 -25.88
CA PHE E 53 19.60 22.92 -25.26
C PHE E 53 19.62 22.79 -23.74
N ASN E 54 20.84 22.80 -23.20
CA ASN E 54 21.12 22.62 -21.77
C ASN E 54 22.03 23.76 -21.34
N PRO E 55 21.60 24.60 -20.36
CA PRO E 55 20.31 24.57 -19.65
C PRO E 55 19.20 25.32 -20.38
N TRP E 56 17.96 24.85 -20.21
CA TRP E 56 16.79 25.52 -20.76
C TRP E 56 15.62 25.29 -19.81
N SER E 57 15.18 26.36 -19.15
CA SER E 57 14.11 26.29 -18.17
C SER E 57 12.76 26.09 -18.85
N GLU E 58 12.19 24.91 -18.66
CA GLU E 58 10.85 24.63 -19.15
C GLU E 58 9.82 25.42 -18.34
N ARG E 59 10.03 25.49 -17.03
CA ARG E 59 9.18 26.27 -16.12
C ARG E 59 9.03 27.75 -16.55
N ASP E 60 10.12 28.34 -17.04
CA ASP E 60 10.15 29.75 -17.45
C ASP E 60 9.56 29.99 -18.85
N THR E 61 9.84 29.06 -19.77
CA THR E 61 9.50 29.24 -21.18
C THR E 61 8.21 28.54 -21.63
N GLY E 62 7.80 27.53 -20.87
CA GLY E 62 6.64 26.71 -21.23
C GLY E 62 7.00 25.51 -22.10
N TYR E 63 8.29 25.39 -22.46
CA TYR E 63 8.76 24.32 -23.34
C TYR E 63 10.25 24.00 -23.21
N ARG E 64 10.67 22.94 -23.91
CA ARG E 64 12.07 22.58 -24.03
C ARG E 64 12.50 22.75 -25.48
N LEU E 65 13.73 23.26 -25.62
CA LEU E 65 14.25 23.68 -26.89
C LEU E 65 15.21 22.64 -27.45
N TRP E 66 14.93 22.22 -28.69
CA TRP E 66 15.93 21.52 -29.48
C TRP E 66 16.56 22.57 -30.41
N MET E 67 17.88 22.54 -30.52
CA MET E 67 18.54 23.52 -31.39
C MET E 67 19.66 22.86 -32.20
N SER E 68 19.85 23.33 -33.42
CA SER E 68 21.07 23.05 -34.16
C SER E 68 21.78 24.38 -34.43
N GLU E 69 23.05 24.50 -34.04
CA GLU E 69 23.79 25.74 -34.25
C GLU E 69 25.06 25.57 -35.07
N VAL E 70 25.18 26.40 -36.11
CA VAL E 70 26.41 26.46 -36.90
C VAL E 70 27.05 27.82 -36.67
N GLY E 71 28.16 27.82 -35.94
CA GLY E 71 28.87 29.03 -35.58
C GLY E 71 30.12 29.15 -36.42
N ASN E 72 30.13 30.16 -37.28
CA ASN E 72 31.24 30.38 -38.19
C ASN E 72 32.08 31.57 -37.68
N ALA E 73 33.27 31.29 -37.14
CA ALA E 73 34.16 32.34 -36.62
C ALA E 73 35.04 33.01 -37.69
N ALA E 74 35.18 32.36 -38.85
CA ALA E 74 35.87 32.97 -40.00
C ALA E 74 35.09 34.17 -40.55
N SER E 75 33.78 33.98 -40.75
CA SER E 75 32.87 35.06 -41.15
C SER E 75 32.37 35.89 -39.95
N GLY E 76 32.48 35.33 -38.75
CA GLY E 76 31.97 35.99 -37.55
C GLY E 76 30.45 35.94 -37.40
N ARG E 77 29.83 34.90 -37.98
CA ARG E 77 28.37 34.76 -37.92
C ARG E 77 27.93 33.38 -37.43
N THR E 78 26.81 33.36 -36.71
CA THR E 78 26.15 32.13 -36.32
C THR E 78 24.74 31.99 -36.93
N TRP E 79 24.34 30.74 -37.12
CA TRP E 79 22.99 30.39 -37.55
C TRP E 79 22.43 29.31 -36.62
N LYS E 80 21.24 29.56 -36.06
CA LYS E 80 20.56 28.59 -35.20
C LYS E 80 19.20 28.18 -35.78
N GLN E 81 18.98 26.87 -35.84
CA GLN E 81 17.68 26.26 -36.17
C GLN E 81 17.08 25.79 -34.84
N LYS E 82 15.80 26.07 -34.63
CA LYS E 82 15.14 25.86 -33.33
C LYS E 82 13.76 25.23 -33.46
N VAL E 83 13.48 24.27 -32.57
CA VAL E 83 12.16 23.63 -32.47
C VAL E 83 11.80 23.54 -30.98
N ALA E 84 10.56 23.92 -30.66
CA ALA E 84 10.04 23.92 -29.30
C ALA E 84 9.21 22.66 -28.99
N TYR E 85 9.47 22.04 -27.84
CA TYR E 85 8.70 20.90 -27.34
C TYR E 85 8.01 21.26 -26.05
N GLY E 86 6.69 21.44 -26.13
CA GLY E 86 5.91 22.02 -25.05
C GLY E 86 4.79 21.13 -24.55
N ARG E 87 4.71 20.99 -23.23
CA ARG E 87 3.66 20.20 -22.58
C ARG E 87 2.27 20.81 -22.77
N GLU E 88 1.28 19.94 -22.95
CA GLU E 88 -0.07 20.37 -23.30
C GLU E 88 -1.11 19.25 -23.10
N GLY E 93 -4.99 12.46 -23.20
CA GLY E 93 -4.34 12.86 -21.95
C GLY E 93 -3.50 14.11 -22.13
N GLU E 94 -2.33 14.13 -21.46
CA GLU E 94 -1.36 15.20 -21.65
C GLU E 94 -0.22 14.76 -22.57
N GLN E 95 0.20 15.66 -23.45
CA GLN E 95 1.10 15.35 -24.55
C GLN E 95 2.22 16.39 -24.68
N LEU E 96 3.22 16.11 -25.50
CA LEU E 96 4.19 17.13 -25.92
C LEU E 96 3.79 17.70 -27.28
N CYS E 97 3.68 19.02 -27.34
CA CYS E 97 3.30 19.67 -28.58
C CYS E 97 4.53 20.30 -29.23
N GLU E 98 4.81 19.80 -30.42
CA GLU E 98 5.97 20.23 -31.17
C GLU E 98 5.61 21.47 -31.95
N ARG E 99 6.42 22.52 -31.81
CA ARG E 99 6.26 23.70 -32.66
C ARG E 99 7.61 24.24 -33.14
N PRO E 100 7.77 24.35 -34.48
CA PRO E 100 9.04 24.82 -35.01
C PRO E 100 9.17 26.34 -34.82
N LEU E 101 10.40 26.79 -34.61
CA LEU E 101 10.68 28.21 -34.37
C LEU E 101 11.55 28.79 -35.51
N ASP E 102 11.64 30.12 -35.56
CA ASP E 102 12.37 30.83 -36.62
C ASP E 102 13.87 30.68 -36.51
N ASP E 103 14.55 30.67 -37.65
CA ASP E 103 16.02 30.66 -37.66
C ASP E 103 16.55 31.96 -37.07
N GLU E 104 17.56 31.80 -36.22
CA GLU E 104 18.22 32.93 -35.59
C GLU E 104 19.64 33.10 -36.16
N THR E 105 19.98 34.33 -36.54
CA THR E 105 21.37 34.66 -36.89
C THR E 105 21.89 35.74 -35.95
N GLY E 106 23.22 35.82 -35.82
CA GLY E 106 23.87 36.82 -34.97
C GLY E 106 25.38 36.77 -35.08
N PRO E 107 26.09 37.60 -34.29
CA PRO E 107 27.54 37.52 -34.36
C PRO E 107 28.07 36.27 -33.64
N PHE E 108 29.29 35.88 -33.97
CA PHE E 108 29.92 34.71 -33.39
C PHE E 108 31.42 34.97 -33.33
N ALA E 109 31.93 35.21 -32.13
CA ALA E 109 33.31 35.64 -31.97
C ALA E 109 34.31 34.49 -32.09
N GLU E 110 33.97 33.36 -31.48
CA GLU E 110 34.93 32.29 -31.23
C GLU E 110 34.22 30.95 -31.18
N LEU E 111 34.84 29.94 -31.78
CA LEU E 111 34.35 28.57 -31.69
C LEU E 111 34.18 28.19 -30.22
N PHE E 112 33.17 27.38 -29.93
CA PHE E 112 32.77 27.11 -28.53
C PHE E 112 33.92 26.62 -27.66
N LEU E 113 34.88 25.96 -28.29
CA LEU E 113 36.06 25.46 -27.61
C LEU E 113 37.24 25.75 -28.56
N PRO E 114 37.85 26.96 -28.46
CA PRO E 114 38.97 27.30 -29.36
C PRO E 114 40.05 26.23 -29.35
N ARG E 115 40.72 26.05 -30.47
CA ARG E 115 41.75 25.03 -30.60
C ARG E 115 42.95 25.29 -29.68
N ASP E 116 43.27 26.56 -29.47
CA ASP E 116 44.40 26.99 -28.66
C ASP E 116 44.02 27.34 -27.22
N VAL E 117 42.83 26.91 -26.79
CA VAL E 117 42.23 27.33 -25.50
C VAL E 117 43.19 27.18 -24.31
N LEU E 118 43.93 26.08 -24.25
CA LEU E 118 44.91 25.83 -23.19
C LEU E 118 46.16 26.71 -23.33
N ARG E 119 46.61 26.92 -24.56
CA ARG E 119 47.78 27.76 -24.82
C ARG E 119 47.51 29.25 -24.60
N ARG E 120 46.34 29.70 -25.04
CA ARG E 120 45.95 31.12 -25.00
C ARG E 120 45.93 31.63 -23.57
N LEU E 121 45.18 30.92 -22.72
CA LEU E 121 44.94 31.29 -21.33
C LEU E 121 45.87 30.48 -20.40
N GLY E 122 47.17 30.50 -20.70
CA GLY E 122 48.19 29.74 -19.94
C GLY E 122 47.66 28.68 -18.98
N ALA E 123 47.36 27.48 -19.49
CA ALA E 123 46.74 26.42 -18.69
C ALA E 123 47.74 25.53 -17.93
N ARG E 124 47.29 24.95 -16.81
CA ARG E 124 48.15 24.10 -15.98
C ARG E 124 47.70 22.63 -15.89
N HIS E 125 48.69 21.73 -15.97
CA HIS E 125 48.49 20.29 -15.87
C HIS E 125 48.18 19.85 -14.43
N ILE E 126 46.91 19.59 -14.15
CA ILE E 126 46.48 19.17 -12.80
C ILE E 126 46.63 17.67 -12.50
N GLY E 127 47.07 16.91 -13.50
CA GLY E 127 47.34 15.48 -13.31
C GLY E 127 46.54 14.56 -14.21
N ARG E 128 46.72 13.25 -14.04
CA ARG E 128 46.02 12.24 -14.82
C ARG E 128 44.75 11.75 -14.12
N ARG E 129 43.71 11.57 -14.92
CA ARG E 129 42.40 11.16 -14.43
C ARG E 129 41.85 10.14 -15.41
N VAL E 130 41.19 9.10 -14.90
CA VAL E 130 40.45 8.16 -15.74
C VAL E 130 39.14 8.82 -16.12
N VAL E 131 38.95 9.16 -17.39
CA VAL E 131 37.69 9.73 -17.87
C VAL E 131 37.09 8.85 -18.97
N LEU E 132 35.82 8.50 -18.81
CA LEU E 132 35.12 7.63 -19.78
C LEU E 132 35.92 6.33 -20.00
N GLY E 133 36.50 5.80 -18.91
CA GLY E 133 37.33 4.60 -18.92
C GLY E 133 38.71 4.74 -19.57
N ARG E 134 39.09 5.96 -19.89
CA ARG E 134 40.36 6.23 -20.59
C ARG E 134 41.27 7.14 -19.77
N GLU E 135 42.58 6.90 -19.82
CA GLU E 135 43.55 7.80 -19.18
C GLU E 135 43.55 9.18 -19.85
N ALA E 136 43.29 10.20 -19.04
CA ALA E 136 43.20 11.57 -19.52
C ALA E 136 44.06 12.55 -18.69
N ASP E 137 44.64 13.53 -19.37
CA ASP E 137 45.29 14.64 -18.68
C ASP E 137 44.26 15.73 -18.46
N GLY E 138 44.31 16.36 -17.28
CA GLY E 138 43.47 17.47 -16.93
C GLY E 138 44.26 18.76 -17.02
N TRP E 139 43.69 19.75 -17.72
CA TRP E 139 44.34 21.03 -17.92
C TRP E 139 43.43 22.15 -17.46
N ARG E 140 43.79 22.79 -16.35
CA ARG E 140 42.96 23.83 -15.71
C ARG E 140 43.33 25.24 -16.16
N TYR E 141 42.32 26.00 -16.56
CA TYR E 141 42.52 27.39 -16.98
C TYR E 141 41.42 28.33 -16.47
N GLN E 142 41.71 29.62 -16.52
CA GLN E 142 40.79 30.66 -16.05
C GLN E 142 40.20 31.44 -17.22
N ARG E 143 38.87 31.46 -17.30
CA ARG E 143 38.17 32.26 -18.31
C ARG E 143 37.34 33.37 -17.69
N GLY E 147 35.50 32.80 -14.22
CA GLY E 147 35.27 31.42 -13.82
C GLY E 147 36.37 30.45 -14.25
N PRO E 148 36.71 29.46 -13.39
CA PRO E 148 37.61 28.38 -13.77
C PRO E 148 36.97 27.34 -14.69
N SER E 149 37.82 26.69 -15.49
CA SER E 149 37.42 25.61 -16.37
C SER E 149 38.49 24.54 -16.30
N THR E 150 38.11 23.31 -16.59
CA THR E 150 39.09 22.25 -16.76
C THR E 150 38.73 21.51 -18.04
N LEU E 151 39.75 21.12 -18.80
CA LEU E 151 39.53 20.27 -19.97
C LEU E 151 40.34 18.98 -19.87
N TYR E 152 39.64 17.86 -19.95
CA TYR E 152 40.30 16.57 -19.90
C TYR E 152 40.53 16.03 -21.31
N LEU E 153 41.77 15.69 -21.61
CA LEU E 153 42.15 15.18 -22.92
C LEU E 153 42.74 13.77 -22.84
N ASP E 154 42.38 12.93 -23.81
CA ASP E 154 42.93 11.58 -23.93
C ASP E 154 44.45 11.65 -24.03
N ALA E 155 45.13 11.10 -23.03
CA ALA E 155 46.60 11.26 -22.91
C ALA E 155 47.42 10.53 -23.98
N ALA E 156 46.73 9.75 -24.82
CA ALA E 156 47.35 9.05 -25.94
C ALA E 156 47.08 9.74 -27.28
N SER E 157 45.83 10.16 -27.49
CA SER E 157 45.40 10.75 -28.77
C SER E 157 45.30 12.28 -28.78
N GLY E 158 45.13 12.89 -27.61
CA GLY E 158 44.97 14.36 -27.49
C GLY E 158 43.54 14.87 -27.73
N THR E 159 42.61 13.96 -28.04
CA THR E 159 41.22 14.35 -28.31
C THR E 159 40.43 14.64 -27.02
N PRO E 160 39.41 15.50 -27.11
CA PRO E 160 38.68 15.84 -25.89
C PRO E 160 37.79 14.71 -25.34
N LEU E 161 37.76 14.61 -24.01
CA LEU E 161 36.92 13.63 -23.32
C LEU E 161 35.88 14.29 -22.41
N ARG E 162 36.29 15.36 -21.72
CA ARG E 162 35.41 16.08 -20.78
C ARG E 162 35.78 17.56 -20.66
N MET E 163 34.77 18.39 -20.86
CA MET E 163 34.87 19.84 -20.73
C MET E 163 34.13 20.24 -19.45
N VAL E 164 34.85 20.84 -18.51
CA VAL E 164 34.27 21.26 -17.24
C VAL E 164 34.33 22.80 -17.17
N THR E 165 33.17 23.42 -17.07
CA THR E 165 33.06 24.87 -17.02
C THR E 165 32.57 25.22 -15.62
N GLY E 166 33.49 25.71 -14.77
CA GLY E 166 33.23 25.96 -13.35
C GLY E 166 34.15 25.11 -12.49
N ASP E 167 34.09 25.29 -11.18
CA ASP E 167 34.86 24.45 -10.26
C ASP E 167 34.13 23.13 -9.95
N SER E 170 31.95 22.49 -6.88
CA SER E 170 31.00 23.37 -6.19
C SER E 170 29.82 23.77 -7.10
N ARG E 171 30.14 24.23 -8.32
CA ARG E 171 29.17 24.36 -9.41
C ARG E 171 29.85 24.36 -10.78
N ALA E 172 29.44 23.43 -11.64
CA ALA E 172 29.99 23.30 -12.99
C ALA E 172 29.07 22.57 -13.96
N SER E 173 29.15 22.95 -15.24
CA SER E 173 28.56 22.17 -16.32
C SER E 173 29.61 21.21 -16.87
N LEU E 174 29.21 19.97 -17.09
CA LEU E 174 30.09 18.95 -17.63
C LEU E 174 29.60 18.55 -19.00
N ARG E 175 30.51 18.55 -19.99
CA ARG E 175 30.24 17.94 -21.29
C ARG E 175 31.22 16.80 -21.57
N ASP E 176 30.68 15.61 -21.82
CA ASP E 176 31.47 14.41 -22.09
C ASP E 176 31.40 14.04 -23.57
N PHE E 177 32.54 13.60 -24.12
CA PHE E 177 32.68 13.27 -25.52
C PHE E 177 33.11 11.81 -25.67
N PRO E 178 32.14 10.87 -25.71
CA PRO E 178 32.50 9.45 -25.62
C PRO E 178 33.05 8.81 -26.87
N ASN E 179 32.93 9.46 -28.03
CA ASN E 179 33.36 8.85 -29.28
C ASN E 179 33.89 9.83 -30.35
N VAL E 180 34.97 10.52 -30.04
CA VAL E 180 35.55 11.49 -30.96
C VAL E 180 36.11 10.83 -32.23
N SER E 181 35.79 11.47 -33.36
CA SER E 181 36.33 11.07 -34.65
C SER E 181 37.10 12.28 -35.20
N GLU E 182 38.32 12.02 -35.65
CA GLU E 182 39.16 13.01 -36.32
C GLU E 182 39.08 12.85 -37.84
N ALA E 183 38.14 12.01 -38.30
CA ALA E 183 37.82 11.84 -39.72
C ALA E 183 37.38 13.17 -40.33
N GLU E 184 37.53 13.28 -41.65
CA GLU E 184 37.15 14.52 -42.37
C GLU E 184 35.66 14.79 -42.27
N ILE E 185 35.31 16.08 -42.19
CA ILE E 185 33.92 16.50 -42.04
C ILE E 185 33.48 17.13 -43.34
N PRO E 186 32.46 16.56 -43.98
CA PRO E 186 32.00 17.06 -45.28
C PRO E 186 31.48 18.48 -45.17
N ASP E 187 31.62 19.25 -46.25
CA ASP E 187 31.10 20.63 -46.35
C ASP E 187 29.67 20.74 -45.86
N ALA E 188 28.85 19.79 -46.30
CA ALA E 188 27.41 19.81 -46.04
C ALA E 188 27.04 19.87 -44.56
N VAL E 189 27.90 19.34 -43.70
CA VAL E 189 27.70 19.41 -42.25
C VAL E 189 27.55 20.86 -41.78
N PHE E 190 28.27 21.79 -42.43
CA PHE E 190 28.26 23.20 -42.04
C PHE E 190 27.43 24.08 -42.98
N ALA E 191 26.58 23.46 -43.80
CA ALA E 191 25.74 24.18 -44.80
C ALA E 191 24.90 25.33 -44.22
N ALA E 192 24.29 25.11 -43.05
CA ALA E 192 23.53 26.14 -42.29
C ALA E 192 22.44 26.89 -43.08
N LYS E 193 21.44 26.15 -43.58
CA LYS E 193 20.39 26.75 -44.40
C LYS E 193 19.40 27.65 -43.64
N GLU F 8 2.06 3.72 -55.74
CA GLU F 8 2.48 2.89 -54.57
C GLU F 8 3.27 3.73 -53.58
N PRO F 9 3.30 3.31 -52.29
CA PRO F 9 4.08 4.03 -51.29
C PRO F 9 5.50 4.29 -51.77
N PRO F 10 6.12 5.40 -51.31
CA PRO F 10 7.47 5.69 -51.76
C PRO F 10 8.51 4.93 -50.97
N LEU F 11 9.66 4.75 -51.60
CA LEU F 11 10.85 4.27 -50.96
C LEU F 11 11.40 5.43 -50.14
N LEU F 12 12.13 5.13 -49.06
CA LEU F 12 12.84 6.19 -48.32
C LEU F 12 14.08 6.67 -49.12
N PRO F 13 14.70 7.81 -48.71
CA PRO F 13 15.93 8.24 -49.40
C PRO F 13 17.02 7.16 -49.25
N ALA F 14 17.85 6.99 -50.28
CA ALA F 14 18.91 5.97 -50.26
C ALA F 14 19.83 6.16 -49.07
N ARG F 15 19.93 7.40 -48.60
CA ARG F 15 20.94 7.84 -47.66
C ARG F 15 20.29 9.00 -46.91
N TRP F 16 20.28 8.93 -45.58
CA TRP F 16 19.86 10.10 -44.81
C TRP F 16 20.41 10.04 -43.40
N SER F 17 20.62 11.22 -42.82
CA SER F 17 21.06 11.37 -41.45
C SER F 17 20.49 12.66 -40.90
N SER F 18 20.33 12.70 -39.58
CA SER F 18 19.55 13.77 -38.96
C SER F 18 19.75 13.78 -37.45
N ALA F 19 19.59 14.95 -36.84
CA ALA F 19 19.30 15.01 -35.42
C ALA F 19 17.98 14.26 -35.21
N TYR F 20 17.76 13.69 -34.02
CA TYR F 20 16.44 13.17 -33.67
C TYR F 20 16.04 13.63 -32.28
N VAL F 21 14.72 13.73 -32.08
CA VAL F 21 14.12 13.98 -30.77
C VAL F 21 13.12 12.86 -30.50
N SER F 22 13.32 12.16 -29.39
CA SER F 22 12.52 10.98 -29.08
C SER F 22 11.68 11.23 -27.83
N TYR F 23 10.38 10.93 -27.94
CA TYR F 23 9.43 11.11 -26.84
C TYR F 23 8.27 10.15 -26.98
N TRP F 24 7.18 10.46 -26.29
CA TRP F 24 6.04 9.57 -26.11
C TRP F 24 4.72 10.32 -26.24
N SER F 25 3.69 9.62 -26.68
CA SER F 25 2.32 10.12 -26.67
C SER F 25 1.36 9.05 -26.10
N PRO F 26 0.61 9.38 -25.04
CA PRO F 26 0.77 10.52 -24.14
C PRO F 26 2.09 10.46 -23.37
N MET F 27 2.53 11.60 -22.83
CA MET F 27 3.70 11.60 -21.95
C MET F 27 3.21 11.21 -20.57
N LEU F 28 3.58 10.01 -20.16
CA LEU F 28 3.26 9.49 -18.82
C LEU F 28 4.32 10.04 -17.85
N PRO F 29 4.05 10.00 -16.53
CA PRO F 29 4.95 10.57 -15.54
C PRO F 29 6.45 10.28 -15.70
N ASP F 30 6.81 9.05 -16.08
CA ASP F 30 8.22 8.65 -16.18
C ASP F 30 8.79 8.79 -17.58
N ASP F 31 7.94 9.13 -18.55
CA ASP F 31 8.40 9.25 -19.94
C ASP F 31 9.44 10.35 -20.08
N GLN F 32 10.39 10.10 -20.96
CA GLN F 32 11.52 10.98 -21.10
C GLN F 32 11.52 11.60 -22.49
N LEU F 33 12.02 12.83 -22.57
CA LEU F 33 12.28 13.52 -23.84
C LEU F 33 13.78 13.52 -24.04
N THR F 34 14.25 12.82 -25.08
CA THR F 34 15.67 12.74 -25.39
C THR F 34 15.98 13.18 -26.83
N SER F 35 17.26 13.39 -27.11
CA SER F 35 17.71 13.76 -28.45
C SER F 35 19.02 13.07 -28.75
N GLY F 36 19.37 13.03 -30.03
CA GLY F 36 20.66 12.51 -30.45
C GLY F 36 20.83 12.72 -31.93
N TYR F 37 21.55 11.78 -32.54
CA TYR F 37 21.86 11.84 -33.97
C TYR F 37 21.80 10.43 -34.57
N CYS F 38 21.41 10.34 -35.84
CA CYS F 38 21.24 9.05 -36.52
C CYS F 38 21.66 9.13 -37.98
N TRP F 39 22.16 8.00 -38.50
CA TRP F 39 22.62 7.88 -39.87
C TRP F 39 22.05 6.62 -40.45
N PHE F 40 21.49 6.72 -41.67
CA PHE F 40 20.97 5.53 -42.36
C PHE F 40 21.57 5.48 -43.77
N ASP F 41 22.27 4.40 -44.06
CA ASP F 41 22.80 4.19 -45.40
C ASP F 41 22.24 2.86 -45.92
N TYR F 42 21.20 2.95 -46.75
CA TYR F 42 20.53 1.73 -47.25
C TYR F 42 21.34 0.93 -48.28
N GLU F 43 22.17 1.58 -49.07
CA GLU F 43 22.99 0.88 -50.05
C GLU F 43 24.04 0.02 -49.33
N ARG F 44 24.66 0.57 -48.27
CA ARG F 44 25.54 -0.22 -47.41
C ARG F 44 24.74 -1.15 -46.50
N ASP F 45 23.46 -0.80 -46.28
CA ASP F 45 22.53 -1.52 -45.39
C ASP F 45 23.00 -1.42 -43.93
N ILE F 46 23.24 -0.19 -43.49
CA ILE F 46 23.82 0.01 -42.18
C ILE F 46 23.23 1.29 -41.59
N CYS F 47 23.12 1.31 -40.26
CA CYS F 47 22.65 2.53 -39.56
C CYS F 47 23.40 2.77 -38.25
N ARG F 48 23.35 4.01 -37.78
CA ARG F 48 23.95 4.34 -36.49
C ARG F 48 23.02 5.28 -35.77
N ILE F 49 22.88 5.08 -34.47
CA ILE F 49 22.13 6.00 -33.59
C ILE F 49 22.95 6.30 -32.33
N ASP F 50 23.11 7.58 -32.04
CA ASP F 50 23.81 8.04 -30.84
C ASP F 50 22.85 8.84 -29.98
N GLY F 51 22.66 8.43 -28.75
CA GLY F 51 21.95 9.25 -27.79
C GLY F 51 21.62 8.55 -26.48
N LEU F 52 21.03 9.30 -25.55
CA LEU F 52 20.47 8.71 -24.35
C LEU F 52 19.35 7.75 -24.75
N PHE F 53 19.51 6.47 -24.41
CA PHE F 53 18.50 5.48 -24.75
C PHE F 53 17.14 5.77 -24.12
N ASN F 54 16.11 5.63 -24.94
CA ASN F 54 14.72 5.90 -24.56
C ASN F 54 13.84 4.78 -25.11
N PRO F 55 13.08 4.04 -24.26
CA PRO F 55 12.94 4.16 -22.82
C PRO F 55 14.04 3.41 -22.08
N TRP F 56 14.38 3.90 -20.90
CA TRP F 56 15.37 3.23 -20.08
C TRP F 56 14.98 3.40 -18.62
N SER F 57 14.94 2.28 -17.90
CA SER F 57 14.63 2.33 -16.47
C SER F 57 15.84 2.69 -15.61
N GLU F 58 15.95 3.96 -15.25
CA GLU F 58 16.98 4.37 -14.30
C GLU F 58 16.77 3.80 -12.92
N ARG F 59 15.51 3.59 -12.53
CA ARG F 59 15.19 3.10 -11.18
C ARG F 59 15.66 1.68 -10.97
N ASP F 60 15.46 0.86 -12.00
CA ASP F 60 15.70 -0.58 -11.92
C ASP F 60 17.15 -0.97 -12.25
N THR F 61 17.84 -0.12 -13.01
CA THR F 61 19.25 -0.35 -13.37
C THR F 61 20.23 0.49 -12.57
N GLY F 62 19.77 1.62 -12.04
CA GLY F 62 20.65 2.51 -11.28
C GLY F 62 21.36 3.57 -12.14
N TYR F 63 21.07 3.62 -13.44
CA TYR F 63 21.67 4.66 -14.30
C TYR F 63 20.83 5.01 -15.52
N ARG F 64 21.16 6.15 -16.12
N ARG F 64 21.11 6.17 -16.09
CA ARG F 64 20.67 6.54 -17.43
CA ARG F 64 20.65 6.49 -17.44
C ARG F 64 21.70 6.14 -18.49
C ARG F 64 21.70 6.03 -18.44
N LEU F 65 21.24 5.44 -19.53
CA LEU F 65 22.13 4.86 -20.54
C LEU F 65 22.29 5.79 -21.72
N TRP F 66 23.54 6.13 -22.02
CA TRP F 66 23.90 6.71 -23.31
C TRP F 66 24.48 5.58 -24.12
N MET F 67 23.99 5.49 -25.36
CA MET F 67 24.46 4.45 -26.24
C MET F 67 24.73 4.98 -27.64
N SER F 68 25.78 4.43 -28.24
CA SER F 68 25.99 4.53 -29.67
C SER F 68 25.91 3.14 -30.29
N GLU F 69 24.92 2.96 -31.15
CA GLU F 69 24.72 1.66 -31.80
C GLU F 69 24.89 1.74 -33.32
N VAL F 70 25.65 0.79 -33.86
CA VAL F 70 25.87 0.65 -35.29
C VAL F 70 25.22 -0.68 -35.66
N GLY F 71 24.09 -0.61 -36.35
CA GLY F 71 23.36 -1.81 -36.74
C GLY F 71 23.65 -2.14 -38.18
N ASN F 72 24.36 -3.25 -38.39
CA ASN F 72 24.74 -3.66 -39.73
C ASN F 72 23.82 -4.80 -40.14
N ALA F 73 22.79 -4.49 -40.93
CA ALA F 73 21.89 -5.51 -41.42
C ALA F 73 22.49 -6.36 -42.55
N ALA F 74 23.58 -5.89 -43.18
CA ALA F 74 24.24 -6.67 -44.23
C ALA F 74 24.96 -7.89 -43.64
N SER F 75 25.64 -7.70 -42.52
CA SER F 75 26.33 -8.80 -41.85
C SER F 75 25.42 -9.44 -40.79
N GLY F 76 24.30 -8.76 -40.49
CA GLY F 76 23.33 -9.21 -39.50
C GLY F 76 23.83 -9.02 -38.07
N ARG F 77 24.57 -7.93 -37.84
CA ARG F 77 25.24 -7.71 -36.56
C ARG F 77 25.16 -6.27 -36.09
N THR F 78 24.96 -6.10 -34.79
CA THR F 78 24.94 -4.77 -34.21
C THR F 78 26.06 -4.68 -33.17
N TRP F 79 26.64 -3.49 -33.04
CA TRP F 79 27.64 -3.24 -32.01
C TRP F 79 27.19 -2.01 -31.23
N LYS F 80 27.27 -2.10 -29.91
CA LYS F 80 26.79 -1.01 -29.06
C LYS F 80 27.88 -0.60 -28.06
N GLN F 81 28.27 0.67 -28.13
CA GLN F 81 29.11 1.34 -27.15
C GLN F 81 28.17 1.94 -26.08
N LYS F 82 28.51 1.76 -24.81
CA LYS F 82 27.58 2.05 -23.71
C LYS F 82 28.27 2.76 -22.57
N VAL F 83 27.66 3.86 -22.13
CA VAL F 83 28.10 4.62 -20.97
C VAL F 83 26.93 4.80 -20.00
N ALA F 84 27.20 4.53 -18.73
CA ALA F 84 26.26 4.68 -17.62
C ALA F 84 26.38 6.04 -16.92
N TYR F 85 25.26 6.73 -16.75
CA TYR F 85 25.18 7.92 -15.91
C TYR F 85 24.27 7.72 -14.71
N GLY F 86 24.89 7.32 -13.59
CA GLY F 86 24.17 7.06 -12.35
C GLY F 86 24.29 8.17 -11.33
N ARG F 87 23.19 8.40 -10.61
CA ARG F 87 23.14 9.38 -9.53
C ARG F 87 23.69 8.79 -8.23
N GLU F 88 24.51 9.59 -7.54
CA GLU F 88 25.06 9.22 -6.24
C GLU F 88 25.09 10.43 -5.29
N ARG F 89 24.70 10.19 -4.04
CA ARG F 89 24.67 11.21 -2.99
C ARG F 89 26.05 11.67 -2.55
N THR F 90 26.20 12.97 -2.34
CA THR F 90 27.33 13.55 -1.61
C THR F 90 26.83 14.84 -0.97
N ALA F 91 26.61 14.80 0.34
CA ALA F 91 26.08 15.95 1.09
C ALA F 91 27.10 17.10 1.18
N GLU F 94 24.23 16.16 -4.86
CA GLU F 94 23.94 15.00 -5.71
C GLU F 94 24.68 15.05 -7.04
N GLN F 95 25.49 14.02 -7.29
CA GLN F 95 26.37 13.98 -8.45
C GLN F 95 25.94 12.92 -9.45
N LEU F 96 26.16 13.19 -10.73
CA LEU F 96 26.15 12.13 -11.71
C LEU F 96 27.51 11.41 -11.68
N CYS F 97 27.48 10.09 -11.81
N CYS F 97 27.48 10.09 -11.82
CA CYS F 97 28.71 9.29 -11.82
CA CYS F 97 28.68 9.27 -11.84
C CYS F 97 28.80 8.54 -13.14
C CYS F 97 28.79 8.54 -13.16
N GLU F 98 29.77 8.94 -13.95
CA GLU F 98 29.96 8.36 -15.26
C GLU F 98 30.90 7.16 -15.16
N ARG F 99 30.46 6.06 -15.78
CA ARG F 99 31.26 4.84 -15.87
CA ARG F 99 31.29 4.87 -15.91
C ARG F 99 31.00 4.17 -17.23
N PRO F 100 32.07 3.68 -17.91
CA PRO F 100 31.76 2.90 -19.14
C PRO F 100 31.19 1.54 -18.75
N LEU F 101 30.25 1.05 -19.56
CA LEU F 101 29.77 -0.31 -19.40
C LEU F 101 30.45 -1.11 -20.51
N ASP F 102 30.43 -2.43 -20.37
CA ASP F 102 30.88 -3.28 -21.46
C ASP F 102 30.13 -2.97 -22.76
N ASP F 103 30.86 -2.97 -23.87
CA ASP F 103 30.23 -2.98 -25.17
C ASP F 103 29.31 -4.21 -25.33
N GLU F 104 28.38 -4.13 -26.27
CA GLU F 104 27.49 -5.24 -26.54
C GLU F 104 27.40 -5.52 -28.04
N THR F 105 27.34 -6.79 -28.42
CA THR F 105 27.03 -7.16 -29.80
C THR F 105 25.88 -8.15 -29.84
N GLY F 106 25.20 -8.21 -30.99
CA GLY F 106 24.16 -9.20 -31.21
C GLY F 106 23.61 -9.18 -32.62
N PRO F 107 22.46 -9.85 -32.84
CA PRO F 107 21.86 -9.86 -34.17
C PRO F 107 21.16 -8.54 -34.54
N PHE F 108 21.02 -8.33 -35.84
CA PHE F 108 20.38 -7.17 -36.40
C PHE F 108 19.83 -7.58 -37.76
N ALA F 109 18.53 -7.88 -37.80
CA ALA F 109 17.90 -8.40 -39.02
C ALA F 109 17.68 -7.30 -40.07
N GLU F 110 17.23 -6.16 -39.60
CA GLU F 110 16.91 -5.06 -40.50
C GLU F 110 17.09 -3.72 -39.83
N LEU F 111 17.28 -2.69 -40.65
CA LEU F 111 17.45 -1.34 -40.14
C LEU F 111 16.20 -0.95 -39.38
N PHE F 112 16.37 -0.08 -38.40
CA PHE F 112 15.25 0.38 -37.57
C PHE F 112 14.11 0.95 -38.40
N LEU F 113 14.46 1.54 -39.54
CA LEU F 113 13.50 2.01 -40.52
C LEU F 113 13.95 1.50 -41.89
N PRO F 114 13.48 0.31 -42.30
CA PRO F 114 13.90 -0.27 -43.60
C PRO F 114 13.53 0.64 -44.77
N ARG F 115 14.37 0.69 -45.80
CA ARG F 115 14.08 1.60 -46.92
C ARG F 115 12.68 1.36 -47.54
N ASP F 116 12.30 0.09 -47.63
CA ASP F 116 11.08 -0.33 -48.33
C ASP F 116 9.92 -0.55 -47.37
N VAL F 117 10.03 -0.03 -46.15
CA VAL F 117 9.04 -0.32 -45.10
C VAL F 117 7.60 0.04 -45.53
N LEU F 118 7.46 1.19 -46.18
CA LEU F 118 6.15 1.66 -46.61
C LEU F 118 5.55 0.75 -47.70
N ARG F 119 6.42 0.21 -48.55
CA ARG F 119 5.96 -0.65 -49.62
C ARG F 119 5.66 -2.05 -49.10
N ARG F 120 6.63 -2.62 -48.38
CA ARG F 120 6.52 -4.00 -47.85
C ARG F 120 5.44 -4.15 -46.78
N LEU F 121 5.26 -3.14 -45.92
CA LEU F 121 4.21 -3.17 -44.89
C LEU F 121 2.88 -2.57 -45.37
N GLY F 122 2.84 -2.24 -46.66
CA GLY F 122 1.61 -1.80 -47.32
C GLY F 122 0.96 -0.61 -46.66
N ALA F 123 1.72 0.48 -46.56
CA ALA F 123 1.25 1.69 -45.92
C ALA F 123 0.17 2.39 -46.75
N ARG F 124 -0.74 3.08 -46.06
CA ARG F 124 -1.78 3.88 -46.71
C ARG F 124 -1.51 5.38 -46.50
N HIS F 125 -1.71 6.16 -47.55
CA HIS F 125 -1.61 7.63 -47.45
C HIS F 125 -2.82 8.11 -46.65
N ILE F 126 -2.56 8.74 -45.50
CA ILE F 126 -3.64 9.27 -44.65
C ILE F 126 -3.88 10.77 -44.88
N GLY F 127 -3.16 11.34 -45.85
CA GLY F 127 -3.33 12.75 -46.21
C GLY F 127 -2.07 13.56 -45.97
N ARG F 128 -2.07 14.80 -46.44
CA ARG F 128 -0.99 15.72 -46.11
C ARG F 128 -1.32 16.51 -44.86
N ARG F 129 -0.28 16.99 -44.21
CA ARG F 129 -0.36 17.55 -42.86
C ARG F 129 0.95 18.28 -42.64
N VAL F 130 0.91 19.40 -41.92
CA VAL F 130 2.14 20.11 -41.59
C VAL F 130 2.78 19.49 -40.36
N VAL F 131 4.02 19.05 -40.52
CA VAL F 131 4.81 18.46 -39.45
C VAL F 131 6.15 19.19 -39.42
N LEU F 132 6.56 19.66 -38.24
CA LEU F 132 7.83 20.40 -38.07
C LEU F 132 7.99 21.61 -39.03
N GLY F 133 6.88 22.24 -39.37
CA GLY F 133 6.91 23.43 -40.20
C GLY F 133 6.71 23.12 -41.67
N ARG F 134 6.87 21.84 -42.02
CA ARG F 134 6.87 21.40 -43.41
C ARG F 134 5.67 20.52 -43.79
N GLU F 135 5.07 20.83 -44.93
CA GLU F 135 4.01 20.02 -45.56
C GLU F 135 4.52 18.58 -45.75
N ALA F 136 3.75 17.62 -45.22
CA ALA F 136 4.18 16.23 -45.10
C ALA F 136 3.09 15.18 -45.38
N ASP F 137 3.40 14.21 -46.23
CA ASP F 137 2.52 13.06 -46.45
C ASP F 137 2.61 12.08 -45.27
N GLY F 138 1.47 11.77 -44.66
CA GLY F 138 1.40 10.74 -43.65
C GLY F 138 1.15 9.38 -44.28
N TRP F 139 1.88 8.37 -43.80
CA TRP F 139 1.73 6.98 -44.27
C TRP F 139 1.50 6.02 -43.11
N ARG F 140 0.28 5.47 -43.01
CA ARG F 140 -0.09 4.56 -41.94
C ARG F 140 -0.05 3.11 -42.40
N TYR F 141 0.48 2.25 -41.53
CA TYR F 141 0.66 0.84 -41.83
C TYR F 141 0.60 0.02 -40.57
N GLN F 142 0.33 -1.27 -40.74
CA GLN F 142 0.29 -2.19 -39.61
C GLN F 142 1.57 -2.99 -39.48
N ARG F 143 2.05 -3.12 -38.25
CA ARG F 143 2.99 -4.16 -37.89
C ARG F 143 2.08 -5.23 -37.26
N PRO F 144 1.78 -6.31 -38.02
CA PRO F 144 0.76 -7.30 -37.59
C PRO F 144 0.99 -7.94 -36.21
N GLY F 145 -0.03 -7.88 -35.36
CA GLY F 145 0.04 -8.39 -33.99
C GLY F 145 0.75 -7.49 -32.98
N LYS F 146 1.15 -6.30 -33.44
CA LYS F 146 1.91 -5.35 -32.61
C LYS F 146 1.22 -3.99 -32.51
N GLY F 147 0.64 -3.52 -33.62
CA GLY F 147 -0.08 -2.25 -33.65
C GLY F 147 0.30 -1.32 -34.81
N PRO F 148 -0.33 -0.14 -34.87
CA PRO F 148 -0.17 0.76 -36.01
C PRO F 148 1.12 1.57 -35.93
N SER F 149 1.56 2.07 -37.09
CA SER F 149 2.66 2.99 -37.19
C SER F 149 2.31 4.02 -38.22
N THR F 150 2.90 5.20 -38.09
CA THR F 150 2.75 6.26 -39.07
C THR F 150 4.11 6.89 -39.36
N LEU F 151 4.45 6.96 -40.65
CA LEU F 151 5.63 7.70 -41.07
C LEU F 151 5.20 8.97 -41.80
N TYR F 152 5.66 10.11 -41.26
CA TYR F 152 5.53 11.39 -41.94
C TYR F 152 6.78 11.72 -42.76
N LEU F 153 6.59 11.81 -44.07
CA LEU F 153 7.64 12.18 -44.98
C LEU F 153 7.41 13.60 -45.51
N ASP F 154 8.49 14.39 -45.60
CA ASP F 154 8.46 15.68 -46.30
C ASP F 154 7.83 15.53 -47.67
N ALA F 155 6.70 16.20 -47.87
CA ALA F 155 5.93 16.14 -49.13
C ALA F 155 6.70 16.69 -50.34
N ALA F 156 7.76 17.45 -50.07
CA ALA F 156 8.61 17.97 -51.12
C ALA F 156 9.71 16.97 -51.45
N SER F 157 10.55 16.67 -50.45
CA SER F 157 11.78 15.91 -50.65
C SER F 157 11.67 14.39 -50.39
N GLY F 158 10.57 13.95 -49.78
CA GLY F 158 10.41 12.54 -49.41
C GLY F 158 11.24 12.06 -48.23
N THR F 159 11.86 12.99 -47.50
CA THR F 159 12.72 12.63 -46.36
C THR F 159 11.89 12.54 -45.08
N PRO F 160 12.29 11.66 -44.13
CA PRO F 160 11.43 11.49 -42.96
C PRO F 160 11.42 12.71 -42.06
N LEU F 161 10.26 12.92 -41.44
CA LEU F 161 10.03 14.05 -40.56
C LEU F 161 9.68 13.54 -39.17
N ARG F 162 8.77 12.55 -39.12
CA ARG F 162 8.30 12.00 -37.86
C ARG F 162 7.93 10.52 -37.98
N MET F 163 8.44 9.73 -37.03
CA MET F 163 8.17 8.29 -36.94
C MET F 163 7.26 8.07 -35.75
N VAL F 164 6.04 7.56 -35.99
CA VAL F 164 5.11 7.26 -34.91
C VAL F 164 4.96 5.74 -34.77
N THR F 165 5.32 5.19 -33.62
CA THR F 165 5.18 3.75 -33.39
C THR F 165 4.13 3.46 -32.32
N GLY F 166 2.97 2.99 -32.77
CA GLY F 166 1.79 2.79 -31.95
C GLY F 166 0.70 3.78 -32.30
N ASP F 167 -0.49 3.57 -31.75
CA ASP F 167 -1.59 4.53 -31.84
C ASP F 167 -1.34 5.66 -30.84
N GLU F 168 -1.32 6.89 -31.35
CA GLU F 168 -1.10 8.08 -30.54
C GLU F 168 -2.22 8.40 -29.55
N ALA F 169 -3.36 7.76 -29.73
CA ALA F 169 -4.48 7.90 -28.81
C ALA F 169 -4.31 7.08 -27.53
N SER F 170 -3.51 6.02 -27.58
CA SER F 170 -3.30 5.18 -26.39
C SER F 170 -1.86 5.11 -25.89
N ARG F 171 -0.93 4.65 -26.74
CA ARG F 171 0.49 4.71 -26.44
C ARG F 171 1.34 4.58 -27.69
N ALA F 172 2.19 5.58 -27.91
CA ALA F 172 3.01 5.62 -29.09
C ALA F 172 4.34 6.27 -28.76
N SER F 173 5.40 5.71 -29.32
CA SER F 173 6.70 6.35 -29.36
C SER F 173 6.68 7.37 -30.51
N LEU F 174 7.35 8.52 -30.30
CA LEU F 174 7.51 9.53 -31.34
C LEU F 174 8.96 9.94 -31.54
N ARG F 175 9.40 9.93 -32.79
CA ARG F 175 10.76 10.37 -33.12
C ARG F 175 10.71 11.37 -34.28
N ASP F 176 11.20 12.58 -34.02
CA ASP F 176 11.19 13.70 -34.96
C ASP F 176 12.57 13.88 -35.61
N PHE F 177 12.56 14.23 -36.89
CA PHE F 177 13.80 14.37 -37.66
C PHE F 177 13.88 15.80 -38.26
N PRO F 178 14.36 16.74 -37.43
CA PRO F 178 14.24 18.17 -37.80
C PRO F 178 15.16 18.70 -38.92
N ASN F 179 16.25 18.01 -39.22
CA ASN F 179 17.22 18.53 -40.17
C ASN F 179 17.88 17.43 -41.02
N VAL F 180 17.06 16.66 -41.73
CA VAL F 180 17.59 15.61 -42.57
C VAL F 180 18.50 16.13 -43.69
N SER F 181 19.69 15.52 -43.78
CA SER F 181 20.62 15.69 -44.88
C SER F 181 20.73 14.39 -45.69
N GLU F 182 20.71 14.51 -47.01
CA GLU F 182 20.94 13.37 -47.90
C GLU F 182 22.40 13.36 -48.35
N ALA F 183 23.27 14.05 -47.61
CA ALA F 183 24.68 14.09 -47.94
C ALA F 183 25.34 12.74 -47.74
N GLU F 184 26.45 12.55 -48.44
CA GLU F 184 27.34 11.42 -48.29
C GLU F 184 27.69 11.18 -46.83
N ILE F 185 27.59 9.93 -46.41
CA ILE F 185 27.99 9.55 -45.06
C ILE F 185 29.31 8.82 -45.18
N PRO F 186 30.38 9.36 -44.56
CA PRO F 186 31.69 8.73 -44.66
C PRO F 186 31.69 7.38 -43.95
N ASP F 187 32.36 6.41 -44.56
CA ASP F 187 32.69 5.11 -43.98
C ASP F 187 32.97 5.19 -42.47
N ALA F 188 33.84 6.12 -42.08
CA ALA F 188 34.27 6.29 -40.68
C ALA F 188 33.13 6.40 -39.68
N VAL F 189 31.98 6.92 -40.12
CA VAL F 189 30.79 7.03 -39.25
C VAL F 189 30.30 5.66 -38.77
N PHE F 190 30.49 4.64 -39.59
CA PHE F 190 30.06 3.28 -39.27
C PHE F 190 31.16 2.40 -38.68
N ALA F 191 32.37 2.96 -38.48
CA ALA F 191 33.48 2.23 -37.84
C ALA F 191 33.13 1.66 -36.47
N ALA F 192 33.82 0.58 -36.07
CA ALA F 192 33.47 -0.15 -34.84
C ALA F 192 33.09 0.77 -33.65
C1 PPY G . 4.10 -3.35 -6.03
O1 PPY G . 3.69 -2.18 -5.99
O2 PPY G . 3.44 -4.24 -6.60
C2 PPY G . 5.41 -3.68 -5.45
O3 PPY G . 6.23 -4.23 -6.17
C3 PPY G . 5.77 -3.34 -4.01
C1' PPY G . 6.92 -4.15 -3.40
C2' PPY G . 7.07 -5.53 -3.65
C3' PPY G . 8.12 -6.25 -3.08
C4' PPY G . 9.03 -5.60 -2.23
C5' PPY G . 8.89 -4.23 -1.97
C6' PPY G . 7.83 -3.51 -2.55
C1 PPY H . 4.76 2.54 -3.00
O1 PPY H . 4.03 3.54 -2.74
O2 PPY H . 5.81 2.68 -3.68
C2 PPY H . 4.38 1.21 -2.51
O3 PPY H . 5.07 0.24 -2.81
C3 PPY H . 3.14 1.03 -1.66
C1' PPY H . 2.70 -0.39 -1.38
C2' PPY H . 3.15 -1.48 -2.13
C3' PPY H . 2.70 -2.77 -1.85
C4' PPY H . 1.80 -2.98 -0.80
C5' PPY H . 1.34 -1.90 -0.06
C6' PPY H . 1.79 -0.62 -0.35
C1 PPY I . 0.13 -22.03 -7.47
O1 PPY I . 0.54 -23.22 -7.60
O2 PPY I . 0.89 -21.08 -7.75
C2 PPY I . -1.23 -21.77 -6.97
O3 PPY I . -2.03 -21.27 -7.74
C3 PPY I . -1.61 -22.12 -5.54
C1' PPY I . -2.76 -21.39 -4.85
C2' PPY I . -2.92 -19.99 -4.94
C3' PPY I . -3.98 -19.36 -4.27
C4' PPY I . -4.85 -20.11 -3.48
C5' PPY I . -4.69 -21.50 -3.38
C6' PPY I . -3.65 -22.14 -4.06
C1 PPY J . -1.00 -27.95 -4.94
O1 PPY J . -0.54 -29.04 -4.51
O2 PPY J . -1.99 -27.94 -5.72
C2 PPY J . -0.38 -26.69 -4.51
O3 PPY J . -0.91 -25.62 -4.77
C3 PPY J . 0.92 -26.70 -3.73
C1' PPY J . 1.41 -25.33 -3.28
C2' PPY J . 1.12 -24.15 -4.00
C3' PPY J . 1.60 -22.92 -3.55
C4' PPY J . 2.38 -22.86 -2.40
C5' PPY J . 2.69 -24.03 -1.69
C6' PPY J . 2.21 -25.26 -2.14
C1 PPY K . -20.43 3.27 25.04
O1 PPY K . -20.53 4.10 24.09
O2 PPY K . -21.35 2.49 25.36
C2 PPY K . -19.19 3.22 25.80
O3 PPY K . -18.43 2.30 25.56
C3 PPY K . -18.90 4.28 26.85
C1' PPY K . -17.91 3.93 27.94
C2' PPY K . -18.04 2.75 28.68
C3' PPY K . -17.11 2.47 29.71
C4' PPY K . -16.08 3.36 29.99
C5' PPY K . -15.94 4.53 29.25
C6' PPY K . -16.87 4.82 28.24
C1 PPY L . -18.75 9.92 24.12
O1 PPY L . -18.97 11.15 23.97
O2 PPY L . -17.90 9.33 23.42
C2 PPY L . -19.50 9.14 25.13
O3 PPY L . -19.21 7.97 25.31
C3 PPY L . -20.61 9.77 25.96
C1' PPY L . -21.37 8.78 26.86
C2' PPY L . -21.22 7.40 26.76
C3' PPY L . -21.92 6.53 27.59
C4' PPY L . -22.79 7.05 28.54
C5' PPY L . -22.96 8.44 28.64
C6' PPY L . -22.25 9.30 27.80
C1 PPY M . -30.68 -13.51 40.37
O1 PPY M . -30.14 -14.41 41.08
O2 PPY M . -31.83 -13.65 39.89
C2 PPY M . -29.95 -12.24 40.09
O3 PPY M . -30.26 -11.56 39.12
C3 PPY M . -28.86 -11.77 41.03
C1' PPY M . -28.05 -10.57 40.56
C2' PPY M . -28.10 -10.09 39.25
C3' PPY M . -27.33 -8.99 38.87
C4' PPY M . -26.49 -8.37 39.80
C5' PPY M . -26.42 -8.85 41.11
C6' PPY M . -27.20 -9.95 41.49
C1 PPY N . -28.37 -10.54 34.91
O1 PPY N . -27.52 -10.32 34.03
O2 PPY N . -28.08 -11.22 35.91
C2 PPY N . -29.74 -10.02 34.80
O3 PPY N . -30.26 -9.97 33.69
C3 PPY N . -30.50 -9.64 36.06
C1' PPY N . -31.29 -8.34 36.04
C2' PPY N . -32.25 -8.13 37.04
C3' PPY N . -32.99 -6.94 37.08
C4' PPY N . -32.78 -5.94 36.12
C5' PPY N . -31.83 -6.15 35.11
C6' PPY N . -31.08 -7.34 35.08
C1 PPY O . 25.02 22.06 -24.08
O1 PPY O . 26.15 22.46 -23.72
O2 PPY O . 24.48 21.10 -23.52
C2 PPY O . 24.32 22.75 -25.16
O3 PPY O . 23.18 23.14 -25.00
C3 PPY O . 25.07 22.96 -26.46
C1' PPY O . 24.19 23.29 -27.66
C2' PPY O . 23.09 22.48 -28.00
C3' PPY O . 22.32 22.78 -29.12
C4' PPY O . 22.67 23.89 -29.91
C5' PPY O . 23.76 24.70 -29.58
C6' PPY O . 24.53 24.40 -28.45
C1 PPY P . 29.81 26.44 -24.84
O1 PPY P . 30.91 26.99 -25.11
O2 PPY P . 28.98 27.00 -24.08
C2 PPY P . 29.47 25.13 -25.41
O3 PPY P . 28.33 24.90 -25.78
C3 PPY P . 30.54 24.05 -25.54
C1' PPY P . 30.06 22.72 -26.08
C2' PPY P . 28.78 22.21 -25.79
C3' PPY P . 28.37 20.97 -26.30
C4' PPY P . 29.25 20.22 -27.10
C5' PPY P . 30.52 20.72 -27.38
C6' PPY P . 30.92 21.96 -26.86
C1 PPY Q . 15.08 6.20 -28.98
O1 PPY Q . 14.18 5.60 -29.63
O2 PPY Q . 14.85 7.31 -28.48
C2 PPY Q . 16.42 5.64 -28.79
O3 PPY Q . 16.86 5.54 -27.64
C3 PPY Q . 17.21 5.21 -29.99
C1' PPY Q . 18.64 4.76 -29.72
C2' PPY Q . 19.53 5.57 -29.00
C3' PPY Q . 20.83 5.16 -28.77
C4' PPY Q . 21.25 3.94 -29.27
C5' PPY Q . 20.37 3.12 -29.99
C6' PPY Q . 19.06 3.53 -30.22
C1 PPY R . 13.40 1.55 -33.57
O1 PPY R . 12.68 1.13 -34.53
O2 PPY R . 13.53 0.86 -32.52
C2 PPY R . 14.13 2.85 -33.66
O3 PPY R . 14.76 3.24 -32.70
C3 PPY R . 14.11 3.69 -34.91
C1' PPY R . 14.91 5.00 -34.81
C2' PPY R . 15.37 5.51 -33.59
C3' PPY R . 16.08 6.72 -33.54
C4' PPY R . 16.33 7.42 -34.71
C5' PPY R . 15.88 6.92 -35.93
C6' PPY R . 15.17 5.72 -35.98
#